data_5GUX
#
_entry.id   5GUX
#
_cell.length_a   89.843
_cell.length_b   105.379
_cell.length_c   192.577
_cell.angle_alpha   90.000
_cell.angle_beta   90.000
_cell.angle_gamma   90.000
#
_symmetry.space_group_name_H-M   'P 21 21 21'
#
loop_
_entity.id
_entity.type
_entity.pdbx_description
1 polymer 'Antibody fab fragment light chain'
2 polymer 'Antibody fab fragment heavy chain'
3 polymer 'Nitric oxide reductase subunit B'
4 polymer 'Nitric oxide reductase subunit C'
5 non-polymer 'PROTOPORPHYRIN IX CONTAINING FE'
6 non-polymer 'FE (III) ION'
7 non-polymer 'OXYGEN ATOM'
8 non-polymer XENON
9 non-polymer 'decyl 4-O-alpha-D-glucopyranosyl-1-thio-beta-D-glucopyranoside'
10 non-polymer 'CALCIUM ION'
11 non-polymer 'HEME C'
#
loop_
_entity_poly.entity_id
_entity_poly.type
_entity_poly.pdbx_seq_one_letter_code
_entity_poly.pdbx_strand_id
1 'polypeptide(L)'
;DIQMTQSPPYLAASPGETITINCRASKSIRKYLAWYQEKPGKTNKLLIYSGSTLQFGIPSRFSGSGSGTEFTLTISSLEP
EDFAMYYCQQHNEYPLTFGAGTKLELKRADAAPTVSIFPPSSEQLTSGGASVVCFLNNFYPKDINVKWKIDGSERQNGVL
NSWTDQDSKDSTYSMSSTLTLTKDEYERHNSYTCEATHKTSTSPIVKSFNRNE
;
L
2 'polypeptide(L)'
;EVQLQQSGTVLARPGASVKMSCKASGYSFTSYWMHWVKQRPGQGLEWIGAVYPGNSDTSYNQKFKGKAKLTAVTSASTAY
MELSSLTNEDSAVYYCSRSSLDGYYVKNWCFDVWGQGTTVTVSSAKTTAPSVYPLAPVCGDTTGSSVTLGCLVKGYFPEP
VTLTWNSGSLSSGVHTFPAVLQSDLYTLSSSVTVTSSTRPSQSITCNVAHPASSTKVDKKIEPRG
;
H
3 'polypeptide(L)'
;MMSPNGSLKFASQAVAKPYFVFALILFVGQILFGLIMGLQYVVGDFLFPAIPFNVARMVHTNLLIVWLLFGFMGAAYYLV
PEESDCELYSPKLAWILFWVFAAAGVLTILGYLLVPYAGLARLTGNELWPTMGREFLEQPTISKAGIVIVALGFLFNVGM
TVLRGRKTAISMVLMTGLIGLALLFLFSFYNPENLTRDKFYWWWVVHLWVEGVWELIMGAILAFVLVKITGVDREVIEKW
LYVIIAMALISGIIGTGHHYFWIGVPGYWLWLGSVFSALEPLPFFAMVLFAFNTINRRRRDYPNRAVALWAMGTTVMAFL
GAGVWGFMHTLAPVNYYTHGTQLTAAHGHMAFYGAYAMIVMTIISYAMPRLRGIGEAMDNRSQVLEMWGFWLMTVAMVFI
TLFLSAAGVLQVWLQRMPADGAAMTFMATQDQLAIFYWLREGAGVVFLIGLVAYLLSFRRGKAAA
;
B
4 'polypeptide(L)'
;MSETFTKGMARNIYFGGSVFFILLFLALTYHTEKTLPERTNEAAMSAAVVRGKLVWEQNNCVGCHTLLGEGAYFAPELGN
VVGRRGGEEGFNTFLQAWMKIQPLNVPGRRAMPQFHLSEGQVDDLAEFLKWSSKIDTNQWPPNKEG
;
C
#
loop_
_chem_comp.id
_chem_comp.type
_chem_comp.name
_chem_comp.formula
10M D-saccharide 'decyl 4-O-alpha-D-glucopyranosyl-1-thio-beta-D-glucopyranoside' 'C22 H42 O10 S'
CA non-polymer 'CALCIUM ION' 'Ca 2'
FE non-polymer 'FE (III) ION' 'Fe 3'
HEC non-polymer 'HEME C' 'C34 H34 Fe N4 O4'
HEM non-polymer 'PROTOPORPHYRIN IX CONTAINING FE' 'C34 H32 Fe N4 O4'
O non-polymer 'OXYGEN ATOM' O
XE non-polymer XENON Xe
#
# COMPACT_ATOMS: atom_id res chain seq x y z
N ASP A 1 18.33 18.66 -14.66
CA ASP A 1 17.53 19.13 -13.49
C ASP A 1 16.40 20.07 -13.85
N ILE A 2 15.33 20.00 -13.06
CA ILE A 2 14.28 20.96 -13.23
C ILE A 2 14.42 22.05 -12.13
N GLN A 3 14.25 23.30 -12.51
CA GLN A 3 14.47 24.42 -11.62
C GLN A 3 13.17 24.96 -11.06
N MET A 4 13.05 24.92 -9.73
CA MET A 4 11.94 25.57 -9.05
C MET A 4 12.22 27.01 -8.69
N THR A 5 11.26 27.88 -8.96
CA THR A 5 11.38 29.23 -8.49
C THR A 5 10.08 29.51 -7.75
N GLN A 6 10.20 29.78 -6.45
CA GLN A 6 9.05 30.12 -5.62
C GLN A 6 9.00 31.62 -5.43
N SER A 7 7.84 32.22 -5.60
CA SER A 7 7.66 33.64 -5.39
C SER A 7 6.37 33.78 -4.64
N PRO A 8 6.30 34.75 -3.72
CA PRO A 8 7.39 35.59 -3.29
C PRO A 8 8.34 34.85 -2.32
N PRO A 9 9.58 35.37 -2.12
CA PRO A 9 10.39 34.88 -1.01
C PRO A 9 9.78 35.24 0.34
N TYR A 10 9.24 36.44 0.45
CA TYR A 10 8.70 36.90 1.72
C TYR A 10 7.24 37.21 1.61
N LEU A 11 6.51 37.22 2.71
CA LEU A 11 5.11 37.61 2.63
C LEU A 11 4.57 37.89 4.01
N ALA A 12 4.03 39.09 4.25
CA ALA A 12 3.41 39.37 5.56
C ALA A 12 1.91 39.35 5.46
N ALA A 13 1.26 38.88 6.51
CA ALA A 13 -0.19 38.79 6.53
C ALA A 13 -0.66 38.58 7.95
N SER A 14 -1.97 38.52 8.16
CA SER A 14 -2.51 38.49 9.51
C SER A 14 -3.50 37.37 9.61
N PRO A 15 -3.68 36.86 10.85
CA PRO A 15 -4.68 35.80 11.11
C PRO A 15 -6.05 36.09 10.44
N GLY A 16 -6.56 35.14 9.68
CA GLY A 16 -7.87 35.27 9.08
C GLY A 16 -7.84 35.55 7.59
N GLU A 17 -6.79 36.24 7.15
CA GLU A 17 -6.69 36.58 5.75
C GLU A 17 -6.32 35.33 4.99
N THR A 18 -6.43 35.37 3.66
CA THR A 18 -5.99 34.30 2.78
C THR A 18 -4.66 34.76 2.24
N ILE A 19 -3.79 33.81 1.94
CA ILE A 19 -2.64 34.08 1.09
C ILE A 19 -2.53 32.96 0.07
N THR A 20 -1.77 33.23 -0.97
CA THR A 20 -1.42 32.19 -1.93
C THR A 20 -0.09 32.50 -2.59
N ILE A 21 0.78 31.51 -2.61
CA ILE A 21 2.13 31.70 -3.05
C ILE A 21 2.38 30.85 -4.26
N ASN A 22 3.49 31.11 -4.94
CA ASN A 22 3.75 30.51 -6.24
C ASN A 22 4.97 29.64 -6.29
N CYS A 23 4.93 28.66 -7.18
CA CYS A 23 6.09 27.85 -7.48
C CYS A 23 6.03 27.50 -8.99
N ARG A 24 7.07 27.93 -9.72
CA ARG A 24 7.19 27.69 -11.16
C ARG A 24 8.38 26.82 -11.58
N ALA A 25 8.07 25.82 -12.39
CA ALA A 25 9.05 24.84 -12.82
C ALA A 25 9.59 25.30 -14.14
N SER A 26 10.86 24.98 -14.36
CA SER A 26 11.53 25.26 -15.61
C SER A 26 11.08 24.35 -16.77
N LYS A 27 10.60 23.15 -16.49
CA LYS A 27 9.89 22.40 -17.53
C LYS A 27 8.63 21.75 -17.01
N SER A 28 7.95 20.97 -17.83
CA SER A 28 6.71 20.38 -17.39
C SER A 28 6.95 19.24 -16.43
N ILE A 29 6.23 19.29 -15.31
CA ILE A 29 6.34 18.30 -14.24
C ILE A 29 5.00 17.60 -14.04
N ARG A 30 4.25 17.49 -15.14
CA ARG A 30 2.88 16.98 -15.16
C ARG A 30 2.09 17.62 -14.01
N LYS A 31 1.55 16.80 -13.11
CA LYS A 31 0.83 17.35 -11.95
C LYS A 31 1.61 17.25 -10.62
N TYR A 32 2.88 16.85 -10.67
CA TYR A 32 3.61 16.34 -9.48
C TYR A 32 4.45 17.33 -8.66
N LEU A 33 3.78 18.07 -7.79
CA LEU A 33 4.46 19.04 -6.94
C LEU A 33 3.97 18.90 -5.47
N ALA A 34 4.89 18.86 -4.52
CA ALA A 34 4.46 18.72 -3.15
C ALA A 34 4.79 19.98 -2.35
N TRP A 35 4.19 20.15 -1.16
CA TRP A 35 4.45 21.35 -0.33
C TRP A 35 4.74 21.01 1.12
N TYR A 36 5.81 21.61 1.66
CA TYR A 36 6.26 21.30 3.00
C TYR A 36 6.21 22.53 3.88
N GLN A 37 5.76 22.35 5.10
CA GLN A 37 5.79 23.42 6.09
C GLN A 37 6.99 23.20 6.99
N GLU A 38 7.79 24.24 7.19
CA GLU A 38 9.01 24.12 8.00
C GLU A 38 8.84 25.04 9.19
N LYS A 39 9.01 24.54 10.40
CA LYS A 39 8.81 25.38 11.59
C LYS A 39 9.93 25.04 12.56
N PRO A 40 10.54 26.08 13.20
CA PRO A 40 11.53 25.88 14.24
C PRO A 40 11.06 24.92 15.33
N GLY A 41 11.86 23.86 15.54
CA GLY A 41 11.67 22.95 16.66
C GLY A 41 10.65 21.86 16.41
N LYS A 42 10.54 21.44 15.15
CA LYS A 42 9.51 20.51 14.67
C LYS A 42 9.96 20.04 13.30
N THR A 43 9.67 18.78 12.97
CA THR A 43 10.15 18.22 11.71
C THR A 43 9.26 18.61 10.54
N ASN A 44 9.87 18.83 9.39
CA ASN A 44 9.17 19.27 8.19
C ASN A 44 7.92 18.45 7.92
N LYS A 45 6.79 19.13 7.79
CA LYS A 45 5.46 18.56 7.59
C LYS A 45 5.09 18.57 6.09
N LEU A 46 4.62 17.44 5.55
CA LEU A 46 4.02 17.42 4.20
C LEU A 46 2.59 17.97 4.27
N LEU A 47 2.28 18.98 3.42
CA LEU A 47 0.94 19.63 3.38
C LEU A 47 0.06 19.20 2.20
N ILE A 48 0.63 19.15 0.99
CA ILE A 48 -0.09 18.83 -0.26
C ILE A 48 0.85 17.99 -1.13
N TYR A 49 0.33 17.03 -1.87
CA TYR A 49 1.13 16.39 -2.90
C TYR A 49 0.38 16.37 -4.21
N SER A 50 1.02 15.87 -5.26
CA SER A 50 0.47 15.81 -6.65
C SER A 50 -0.36 17.01 -7.10
N GLY A 51 0.04 18.19 -6.66
CA GLY A 51 -0.57 19.39 -7.14
C GLY A 51 -1.73 19.81 -6.28
N SER A 52 -2.59 18.88 -5.91
CA SER A 52 -3.80 19.29 -5.22
C SER A 52 -4.30 18.40 -4.08
N THR A 53 -3.67 17.26 -3.86
CA THR A 53 -4.11 16.35 -2.83
C THR A 53 -3.70 16.74 -1.39
N LEU A 54 -4.67 16.78 -0.48
CA LEU A 54 -4.33 17.06 0.92
C LEU A 54 -3.63 15.88 1.53
N GLN A 55 -2.57 16.15 2.27
CA GLN A 55 -1.98 15.10 3.08
C GLN A 55 -2.88 14.78 4.30
N PHE A 56 -3.03 13.48 4.56
CA PHE A 56 -3.77 12.99 5.70
C PHE A 56 -3.47 13.85 6.91
N GLY A 57 -4.51 14.35 7.56
CA GLY A 57 -4.33 15.05 8.82
C GLY A 57 -4.04 16.53 8.71
N ILE A 58 -3.97 17.05 7.49
CA ILE A 58 -3.72 18.47 7.26
C ILE A 58 -5.06 19.22 7.10
N PRO A 59 -5.26 20.33 7.83
CA PRO A 59 -6.54 21.06 7.76
C PRO A 59 -6.94 21.45 6.33
N SER A 60 -8.24 21.56 6.09
CA SER A 60 -8.76 21.77 4.76
C SER A 60 -8.59 23.20 4.26
N ARG A 61 -8.11 24.10 5.14
CA ARG A 61 -7.71 25.47 4.75
C ARG A 61 -6.46 25.50 3.82
N PHE A 62 -5.58 24.51 3.94
CA PHE A 62 -4.55 24.30 2.93
C PHE A 62 -5.11 23.67 1.66
N SER A 63 -4.76 24.27 0.53
CA SER A 63 -5.23 23.82 -0.76
C SER A 63 -4.14 24.05 -1.77
N GLY A 64 -4.14 23.27 -2.84
CA GLY A 64 -3.15 23.47 -3.90
C GLY A 64 -3.69 23.36 -5.31
N SER A 65 -3.16 24.16 -6.22
CA SER A 65 -3.61 24.02 -7.60
C SER A 65 -2.43 24.08 -8.58
N GLY A 66 -2.63 23.55 -9.79
CA GLY A 66 -1.63 23.65 -10.85
C GLY A 66 -1.36 22.39 -11.65
N SER A 67 -0.75 22.57 -12.81
CA SER A 67 -0.29 21.46 -13.64
C SER A 67 0.74 21.90 -14.70
N GLY A 68 1.64 21.00 -15.06
CA GLY A 68 2.62 21.26 -16.10
C GLY A 68 3.75 22.14 -15.60
N THR A 69 3.49 23.44 -15.46
CA THR A 69 4.58 24.38 -15.25
C THR A 69 4.38 25.39 -14.10
N GLU A 70 3.12 25.58 -13.69
CA GLU A 70 2.76 26.63 -12.73
C GLU A 70 1.86 26.07 -11.64
N PHE A 71 2.27 26.29 -10.39
CA PHE A 71 1.49 25.81 -9.28
C PHE A 71 1.31 26.92 -8.26
N THR A 72 0.28 26.76 -7.44
CA THR A 72 0.12 27.55 -6.22
C THR A 72 -0.19 26.69 -5.00
N LEU A 73 0.00 27.33 -3.84
CA LEU A 73 -0.49 26.88 -2.57
C LEU A 73 -1.35 28.02 -2.10
N THR A 74 -2.40 27.68 -1.37
CA THR A 74 -3.32 28.67 -0.84
C THR A 74 -3.65 28.30 0.61
N ILE A 75 -3.53 29.26 1.52
CA ILE A 75 -4.07 29.05 2.84
C ILE A 75 -5.32 29.88 2.97
N SER A 76 -6.46 29.19 3.11
CA SER A 76 -7.76 29.84 3.20
C SER A 76 -7.87 30.82 4.35
N SER A 77 -7.50 30.41 5.55
CA SER A 77 -7.74 31.31 6.66
C SER A 77 -6.63 31.28 7.67
N LEU A 78 -5.66 32.17 7.54
CA LEU A 78 -4.42 32.02 8.30
C LEU A 78 -4.68 31.82 9.77
N GLU A 79 -4.03 30.78 10.32
CA GLU A 79 -4.08 30.44 11.73
C GLU A 79 -2.72 30.78 12.35
N PRO A 80 -2.68 31.29 13.60
CA PRO A 80 -1.39 31.70 14.20
C PRO A 80 -0.24 30.75 13.81
N GLU A 81 -0.42 29.47 14.09
CA GLU A 81 0.51 28.41 13.75
C GLU A 81 0.84 28.21 12.28
N ASP A 82 0.22 28.97 11.38
CA ASP A 82 0.50 28.83 9.94
C ASP A 82 1.67 29.68 9.51
N PHE A 83 2.03 30.64 10.36
CA PHE A 83 3.22 31.46 10.07
C PHE A 83 4.47 30.64 10.24
N ALA A 84 5.17 30.47 9.11
CA ALA A 84 6.15 29.42 8.90
C ALA A 84 6.79 29.57 7.54
N MET A 85 7.58 28.57 7.18
CA MET A 85 8.36 28.58 5.98
C MET A 85 7.78 27.53 5.09
N TYR A 86 7.54 27.82 3.82
CA TYR A 86 6.96 26.78 2.92
C TYR A 86 7.91 26.48 1.77
N TYR A 87 8.15 25.20 1.50
CA TYR A 87 8.89 24.79 0.30
C TYR A 87 8.04 23.93 -0.60
N CYS A 88 8.28 24.06 -1.91
CA CYS A 88 7.67 23.18 -2.92
C CYS A 88 8.71 22.20 -3.43
N GLN A 89 8.30 20.97 -3.70
CA GLN A 89 9.21 19.94 -4.25
C GLN A 89 8.54 19.25 -5.41
N GLN A 90 9.28 19.04 -6.47
CA GLN A 90 8.67 18.43 -7.61
C GLN A 90 8.90 16.92 -7.51
N HIS A 91 7.88 16.11 -7.80
CA HIS A 91 8.04 14.64 -7.72
C HIS A 91 7.72 13.91 -9.03
N ASN A 92 8.14 14.53 -10.11
CA ASN A 92 7.89 14.05 -11.44
C ASN A 92 9.07 13.31 -12.05
N GLU A 93 10.29 13.64 -11.64
CA GLU A 93 11.48 12.96 -12.18
C GLU A 93 12.78 13.08 -11.35
N TYR A 94 13.71 12.14 -11.63
CA TYR A 94 15.09 12.18 -11.12
C TYR A 94 15.90 13.31 -11.82
N PRO A 95 16.46 14.23 -11.04
CA PRO A 95 16.54 14.25 -9.60
C PRO A 95 15.46 15.11 -8.96
N LEU A 96 14.93 14.64 -7.85
CA LEU A 96 14.02 15.44 -7.09
C LEU A 96 14.70 16.80 -6.91
N THR A 97 13.95 17.88 -7.12
CA THR A 97 14.37 19.24 -6.68
C THR A 97 13.27 20.09 -6.04
N PHE A 98 13.75 21.06 -5.26
CA PHE A 98 12.90 21.89 -4.42
C PHE A 98 12.96 23.31 -4.94
N GLY A 99 12.03 24.14 -4.47
CA GLY A 99 12.10 25.57 -4.63
C GLY A 99 12.99 26.08 -3.51
N ALA A 100 13.09 27.41 -3.45
CA ALA A 100 13.98 28.05 -2.48
C ALA A 100 13.27 28.32 -1.17
N GLY A 101 11.95 28.50 -1.23
CA GLY A 101 11.16 28.77 -0.02
C GLY A 101 10.40 30.08 -0.04
N THR A 102 9.38 30.16 0.81
CA THR A 102 8.67 31.38 1.02
C THR A 102 8.56 31.45 2.52
N LYS A 103 8.88 32.61 3.08
CA LYS A 103 8.73 32.85 4.51
C LYS A 103 7.46 33.67 4.77
N LEU A 104 6.55 33.11 5.58
CA LEU A 104 5.26 33.75 5.86
C LEU A 104 5.25 34.43 7.23
N GLU A 105 5.36 35.77 7.21
CA GLU A 105 5.52 36.64 8.39
C GLU A 105 4.20 37.18 8.90
N LEU A 106 4.07 37.28 10.21
CA LEU A 106 2.92 37.90 10.86
C LEU A 106 3.01 39.46 10.84
N LYS A 107 2.11 40.12 10.12
CA LYS A 107 2.10 41.59 10.03
C LYS A 107 1.66 42.22 11.33
N ARG A 108 2.34 43.26 11.77
CA ARG A 108 1.87 44.09 12.89
C ARG A 108 2.14 45.59 12.65
N ALA A 109 1.87 46.40 13.68
CA ALA A 109 1.95 47.87 13.52
C ALA A 109 3.38 48.29 13.35
N ASP A 110 3.60 49.21 12.43
CA ASP A 110 4.91 49.77 12.25
C ASP A 110 5.44 50.16 13.64
N ALA A 111 6.74 49.93 13.87
CA ALA A 111 7.33 50.16 15.19
C ALA A 111 8.78 50.62 15.06
N ALA A 112 9.04 51.83 15.53
CA ALA A 112 10.36 52.43 15.46
C ALA A 112 11.33 51.72 16.38
N PRO A 113 12.56 51.50 15.92
CA PRO A 113 13.53 50.81 16.80
C PRO A 113 14.00 51.65 18.01
N THR A 114 14.25 50.99 19.13
CA THR A 114 14.88 51.61 20.31
C THR A 114 16.38 51.38 20.29
N VAL A 115 17.14 52.44 20.04
CA VAL A 115 18.57 52.29 19.78
C VAL A 115 19.39 52.38 21.05
N SER A 116 20.50 51.64 21.12
CA SER A 116 21.43 51.76 22.25
C SER A 116 22.85 51.48 21.79
N ILE A 117 23.77 52.35 22.18
CA ILE A 117 25.18 52.18 21.82
C ILE A 117 26.02 51.94 23.10
N PHE A 118 27.02 51.07 22.96
CA PHE A 118 27.85 50.65 24.06
C PHE A 118 29.36 50.71 23.73
N PRO A 119 30.15 51.47 24.53
CA PRO A 119 31.59 51.57 24.32
C PRO A 119 32.29 50.26 24.68
N PRO A 120 33.57 50.09 24.27
CA PRO A 120 34.22 48.85 24.65
C PRO A 120 34.20 48.67 26.16
N SER A 121 33.95 47.46 26.64
CA SER A 121 34.20 47.07 28.04
C SER A 121 35.69 47.16 28.35
N SER A 122 36.04 47.58 29.57
CA SER A 122 37.46 47.79 29.90
C SER A 122 38.28 46.48 29.79
N GLU A 123 37.60 45.37 30.06
CA GLU A 123 38.20 44.03 30.04
C GLU A 123 38.64 43.69 28.64
N GLN A 124 37.84 44.12 27.68
CA GLN A 124 38.21 43.97 26.30
C GLN A 124 39.38 44.86 25.93
N LEU A 125 39.30 46.14 26.28
CA LEU A 125 40.38 47.07 26.01
C LEU A 125 41.73 46.52 26.44
N THR A 126 41.79 46.01 27.67
CA THR A 126 43.03 45.52 28.28
C THR A 126 43.71 44.43 27.46
N SER A 127 42.93 43.62 26.76
CA SER A 127 43.50 42.54 25.97
C SER A 127 43.81 42.88 24.50
N GLY A 128 43.55 44.13 24.11
CA GLY A 128 43.98 44.65 22.80
C GLY A 128 42.89 44.87 21.78
N GLY A 129 41.66 44.49 22.14
CA GLY A 129 40.50 44.65 21.26
C GLY A 129 39.54 45.72 21.72
N ALA A 130 38.77 46.25 20.77
CA ALA A 130 37.76 47.26 21.11
C ALA A 130 36.56 47.10 20.20
N SER A 131 35.48 46.57 20.77
CA SER A 131 34.24 46.42 20.06
C SER A 131 33.20 47.38 20.59
N VAL A 132 32.67 48.22 19.72
CA VAL A 132 31.49 49.06 20.00
C VAL A 132 30.19 48.38 19.55
N VAL A 133 29.27 48.19 20.49
CA VAL A 133 28.04 47.46 20.22
C VAL A 133 26.83 48.39 20.16
N CYS A 134 25.97 48.16 19.18
CA CYS A 134 24.77 48.94 19.05
C CYS A 134 23.54 48.06 18.86
N PHE A 135 22.64 48.09 19.84
CA PHE A 135 21.37 47.35 19.81
C PHE A 135 20.20 48.15 19.25
N LEU A 136 19.65 47.69 18.14
CA LEU A 136 18.43 48.29 17.58
C LEU A 136 17.28 47.34 17.89
N ASN A 137 16.35 47.80 18.74
CA ASN A 137 15.40 46.86 19.36
C ASN A 137 13.90 47.10 19.16
N ASN A 138 13.17 46.02 18.85
CA ASN A 138 11.71 46.02 18.74
C ASN A 138 11.08 46.88 17.63
N PHE A 139 11.40 46.54 16.40
CA PHE A 139 10.95 47.37 15.32
C PHE A 139 10.24 46.51 14.31
N TYR A 140 9.40 47.15 13.50
CA TYR A 140 8.67 46.50 12.41
C TYR A 140 8.42 47.57 11.35
N PRO A 141 8.54 47.22 10.05
CA PRO A 141 8.98 45.94 9.45
C PRO A 141 10.46 45.66 9.64
N LYS A 142 10.93 44.65 8.93
CA LYS A 142 12.27 44.13 9.14
C LYS A 142 13.34 45.00 8.48
N ASP A 143 12.96 45.72 7.42
CA ASP A 143 13.93 46.53 6.68
C ASP A 143 14.54 47.65 7.50
N ILE A 144 15.87 47.68 7.51
CA ILE A 144 16.60 48.66 8.27
C ILE A 144 18.01 48.75 7.72
N ASN A 145 18.57 49.93 7.90
CA ASN A 145 19.93 50.24 7.55
C ASN A 145 20.62 50.76 8.81
N VAL A 146 21.82 50.25 9.10
CA VAL A 146 22.60 50.82 10.20
C VAL A 146 23.97 51.20 9.66
N LYS A 147 24.51 52.26 10.25
CA LYS A 147 25.63 52.99 9.70
C LYS A 147 26.58 53.36 10.86
N TRP A 148 27.84 52.96 10.74
CA TRP A 148 28.79 53.35 11.75
C TRP A 148 29.57 54.57 11.29
N LYS A 149 29.66 55.58 12.13
CA LYS A 149 30.43 56.74 11.79
C LYS A 149 31.51 56.91 12.84
N ILE A 150 32.75 57.04 12.37
CA ILE A 150 33.87 57.37 13.24
C ILE A 150 34.27 58.82 13.02
N ASP A 151 34.19 59.62 14.09
CA ASP A 151 34.48 61.06 14.04
C ASP A 151 33.88 61.68 12.80
N GLY A 152 32.72 61.19 12.38
CA GLY A 152 32.05 61.74 11.21
C GLY A 152 32.19 60.96 9.92
N SER A 153 33.16 60.06 9.86
CA SER A 153 33.35 59.25 8.67
C SER A 153 32.66 57.89 8.80
N GLU A 154 31.90 57.54 7.79
CA GLU A 154 31.24 56.24 7.71
C GLU A 154 32.29 55.18 7.51
N ARG A 155 32.24 54.17 8.38
CA ARG A 155 33.21 53.08 8.46
C ARG A 155 32.51 51.75 8.22
N GLN A 156 32.87 51.02 7.17
CA GLN A 156 32.19 49.74 6.87
C GLN A 156 32.90 48.48 7.39
N ASN A 157 34.23 48.49 7.40
CA ASN A 157 34.98 47.30 7.76
C ASN A 157 35.02 47.03 9.22
N GLY A 158 34.74 45.77 9.55
CA GLY A 158 34.76 45.26 10.93
C GLY A 158 33.42 45.37 11.63
N VAL A 159 32.33 45.37 10.85
CA VAL A 159 30.97 45.52 11.38
C VAL A 159 30.27 44.19 11.22
N LEU A 160 29.75 43.64 12.31
CA LEU A 160 29.02 42.36 12.23
C LEU A 160 27.60 42.44 12.78
N ASN A 161 26.63 42.25 11.89
CA ASN A 161 25.23 42.34 12.29
C ASN A 161 24.55 41.02 12.47
N SER A 162 23.62 40.98 13.41
CA SER A 162 22.79 39.82 13.56
C SER A 162 21.41 40.27 13.93
N TRP A 163 20.43 39.68 13.28
CA TRP A 163 19.04 39.97 13.49
C TRP A 163 18.36 38.79 14.19
N THR A 164 17.43 39.04 15.10
CA THR A 164 16.57 37.98 15.58
C THR A 164 15.42 37.67 14.62
N ASP A 165 14.77 36.54 14.78
CA ASP A 165 13.58 36.31 13.98
C ASP A 165 12.44 37.01 14.70
N GLN A 166 11.26 37.00 14.07
CA GLN A 166 10.08 37.74 14.55
C GLN A 166 9.73 37.31 15.96
N ASP A 167 9.67 38.25 16.90
CA ASP A 167 9.48 37.93 18.32
C ASP A 167 8.18 37.20 18.66
N SER A 168 8.28 36.26 19.59
CA SER A 168 7.14 35.38 19.91
C SER A 168 6.12 36.08 20.78
N LYS A 169 6.51 37.19 21.42
CA LYS A 169 5.52 37.98 22.18
C LYS A 169 4.85 39.15 21.47
N ASP A 170 5.63 39.96 20.75
CA ASP A 170 5.08 41.14 20.10
C ASP A 170 5.36 41.24 18.59
N SER A 171 5.94 40.19 18.02
CA SER A 171 6.17 40.09 16.58
C SER A 171 7.20 41.04 15.99
N THR A 172 8.04 41.63 16.83
CA THR A 172 8.99 42.60 16.31
C THR A 172 10.39 42.04 16.08
N TYR A 173 11.14 42.68 15.20
CA TYR A 173 12.53 42.31 15.01
C TYR A 173 13.42 43.09 15.96
N SER A 174 14.66 42.64 16.07
CA SER A 174 15.67 43.32 16.85
C SER A 174 16.99 42.99 16.18
N MET A 175 17.94 43.92 16.31
CA MET A 175 19.24 43.85 15.64
C MET A 175 20.39 44.15 16.59
N SER A 176 21.60 43.71 16.24
CA SER A 176 22.80 44.11 16.95
C SER A 176 23.98 44.20 16.01
N SER A 177 24.52 45.42 15.90
CA SER A 177 25.65 45.75 15.06
C SER A 177 26.84 45.88 15.97
N THR A 178 27.95 45.26 15.62
CA THR A 178 29.17 45.38 16.42
C THR A 178 30.28 45.63 15.44
N LEU A 179 30.81 46.84 15.51
CA LEU A 179 32.05 47.26 14.86
C LEU A 179 33.20 46.92 15.77
N THR A 180 34.20 46.23 15.23
CA THR A 180 35.35 45.80 16.02
C THR A 180 36.66 46.40 15.51
N LEU A 181 37.32 47.11 16.42
CA LEU A 181 38.57 47.80 16.14
C LEU A 181 39.68 47.24 17.03
N THR A 182 40.91 47.53 16.63
CA THR A 182 42.06 47.21 17.45
C THR A 182 42.12 48.33 18.45
N LYS A 183 42.53 48.03 19.68
CA LYS A 183 42.55 49.06 20.72
C LYS A 183 43.39 50.27 20.29
N ASP A 184 44.39 50.05 19.44
CA ASP A 184 45.26 51.13 18.96
C ASP A 184 44.54 52.08 17.99
N GLU A 185 43.71 51.50 17.13
CA GLU A 185 42.87 52.24 16.19
C GLU A 185 41.78 52.98 16.96
N TYR A 186 41.29 52.33 18.04
CA TYR A 186 40.17 52.86 18.84
C TYR A 186 40.52 54.20 19.49
N GLU A 187 41.70 54.27 20.08
CA GLU A 187 42.14 55.47 20.78
C GLU A 187 42.56 56.59 19.83
N ARG A 188 42.86 56.22 18.59
CA ARG A 188 43.15 57.19 17.55
C ARG A 188 41.95 58.04 17.12
N HIS A 189 40.80 57.77 17.70
CA HIS A 189 39.61 58.55 17.35
C HIS A 189 38.83 58.92 18.61
N ASN A 190 37.85 59.78 18.45
CA ASN A 190 37.12 60.21 19.62
C ASN A 190 35.60 59.97 19.58
N SER A 191 34.99 60.21 18.43
CA SER A 191 33.54 60.16 18.28
C SER A 191 33.02 58.89 17.59
N TYR A 192 32.22 58.13 18.32
CA TYR A 192 31.65 56.89 17.82
C TYR A 192 30.13 56.96 17.64
N THR A 193 29.69 56.84 16.39
CA THR A 193 28.27 56.92 16.08
C THR A 193 27.69 55.66 15.42
N CYS A 194 26.46 55.35 15.84
CA CYS A 194 25.61 54.31 15.31
C CYS A 194 24.30 54.96 14.74
N GLU A 195 24.05 54.89 13.44
CA GLU A 195 22.87 55.56 12.85
C GLU A 195 21.92 54.58 12.24
N ALA A 196 20.66 54.66 12.62
CA ALA A 196 19.72 53.70 12.10
C ALA A 196 18.63 54.39 11.31
N THR A 197 18.51 53.98 10.05
CA THR A 197 17.50 54.52 9.13
C THR A 197 16.48 53.43 8.95
N HIS A 198 15.23 53.79 9.24
CA HIS A 198 14.10 52.86 9.30
C HIS A 198 12.84 53.51 8.78
N LYS A 199 12.06 52.74 8.03
CA LYS A 199 10.76 53.15 7.54
C LYS A 199 9.95 54.10 8.47
N THR A 200 10.02 53.93 9.80
CA THR A 200 9.26 54.78 10.77
C THR A 200 9.67 56.24 10.95
N SER A 201 10.78 56.68 10.35
CA SER A 201 11.24 58.05 10.52
C SER A 201 12.04 58.58 9.34
N THR A 202 11.66 59.77 8.84
CA THR A 202 12.32 60.38 7.69
C THR A 202 13.77 60.75 8.00
N SER A 203 14.06 61.03 9.28
CA SER A 203 15.43 61.27 9.69
C SER A 203 15.95 60.10 10.54
N PRO A 204 17.23 59.73 10.34
CA PRO A 204 17.85 58.63 11.06
C PRO A 204 17.84 58.81 12.59
N ILE A 205 17.81 57.69 13.32
CA ILE A 205 17.98 57.69 14.76
C ILE A 205 19.46 57.52 15.04
N VAL A 206 20.05 58.55 15.62
CA VAL A 206 21.49 58.57 15.86
C VAL A 206 21.79 58.37 17.35
N LYS A 207 22.79 57.52 17.64
CA LYS A 207 23.38 57.43 18.98
C LYS A 207 24.88 57.27 18.92
N SER A 208 25.54 58.06 19.76
CA SER A 208 26.99 58.09 19.85
C SER A 208 27.50 58.57 21.21
N PHE A 209 28.81 58.54 21.34
CA PHE A 209 29.44 58.83 22.60
C PHE A 209 30.81 59.35 22.21
N ASN A 210 31.42 60.10 23.12
CA ASN A 210 32.79 60.55 22.92
C ASN A 210 33.72 59.84 23.86
N ARG A 211 34.88 59.40 23.33
CA ARG A 211 35.76 58.45 24.03
C ARG A 211 36.16 58.90 25.42
N ASN A 212 36.34 60.21 25.56
CA ASN A 212 36.55 60.86 26.86
C ASN A 212 35.27 61.55 27.32
N GLU A 213 34.41 60.83 28.05
CA GLU A 213 33.12 61.39 28.52
C GLU A 213 32.58 60.62 29.71
N GLU B 1 3.48 5.13 16.02
CA GLU B 1 3.74 6.47 15.41
C GLU B 1 5.08 6.45 14.70
N VAL B 2 5.10 6.96 13.48
CA VAL B 2 6.32 6.90 12.67
C VAL B 2 7.41 7.92 13.04
N GLN B 3 8.57 7.46 13.48
CA GLN B 3 9.63 8.39 13.75
C GLN B 3 10.92 8.18 12.91
N LEU B 4 11.77 9.20 12.86
CA LEU B 4 13.12 9.08 12.31
C LEU B 4 14.06 9.85 13.23
N GLN B 5 14.86 9.14 14.03
CA GLN B 5 15.75 9.78 14.99
C GLN B 5 17.06 9.93 14.27
N GLN B 6 17.55 11.16 14.14
CA GLN B 6 18.86 11.32 13.53
C GLN B 6 19.94 11.51 14.59
N SER B 7 21.19 11.31 14.21
CA SER B 7 22.28 11.39 15.16
C SER B 7 22.58 12.85 15.46
N GLY B 8 23.47 13.04 16.45
CA GLY B 8 23.88 14.37 16.94
C GLY B 8 24.83 15.06 15.99
N THR B 9 25.14 16.33 16.30
CA THR B 9 25.99 17.19 15.48
C THR B 9 27.37 16.59 15.31
N VAL B 10 27.97 16.81 14.16
CA VAL B 10 29.36 16.41 14.01
C VAL B 10 30.21 17.61 13.62
N LEU B 11 31.45 17.64 14.10
CA LEU B 11 32.44 18.65 13.63
C LEU B 11 33.50 17.90 12.88
N ALA B 12 34.01 18.46 11.81
CA ALA B 12 34.98 17.72 11.05
C ALA B 12 35.94 18.68 10.40
N ARG B 13 37.23 18.31 10.41
CA ARG B 13 38.27 19.13 9.78
C ARG B 13 38.28 18.81 8.29
N PRO B 14 38.55 19.83 7.45
CA PRO B 14 38.45 19.72 5.98
C PRO B 14 39.20 18.54 5.39
N GLY B 15 38.62 17.92 4.36
CA GLY B 15 39.18 16.71 3.75
C GLY B 15 38.75 15.47 4.48
N ALA B 16 38.28 15.60 5.72
CA ALA B 16 37.91 14.43 6.52
C ALA B 16 36.63 13.78 6.00
N SER B 17 36.25 12.68 6.65
CA SER B 17 34.96 11.99 6.43
C SER B 17 34.04 12.05 7.65
N VAL B 18 32.76 11.74 7.44
CA VAL B 18 31.81 11.71 8.54
C VAL B 18 30.66 10.76 8.16
N LYS B 19 30.09 10.07 9.13
CA LYS B 19 28.99 9.15 8.83
C LYS B 19 27.90 9.41 9.85
N MET B 20 26.66 9.55 9.35
CA MET B 20 25.50 9.88 10.20
C MET B 20 24.40 8.85 10.12
N SER B 21 23.55 8.80 11.15
CA SER B 21 22.52 7.77 11.16
C SER B 21 21.10 8.33 11.14
N CYS B 22 20.13 7.43 10.90
CA CYS B 22 18.72 7.73 10.83
C CYS B 22 17.99 6.46 11.26
N LYS B 23 17.47 6.48 12.48
CA LYS B 23 16.88 5.30 13.10
C LYS B 23 15.40 5.46 12.89
N ALA B 24 14.83 4.56 12.11
CA ALA B 24 13.42 4.60 11.73
C ALA B 24 12.60 3.67 12.61
N SER B 25 11.47 4.15 13.07
CA SER B 25 10.62 3.31 13.87
C SER B 25 9.16 3.38 13.42
N GLY B 26 8.40 2.35 13.75
CA GLY B 26 6.95 2.41 13.66
C GLY B 26 6.35 2.23 12.29
N TYR B 27 7.07 1.58 11.38
CA TYR B 27 6.54 1.17 10.07
C TYR B 27 7.50 0.20 9.40
N SER B 28 7.09 -0.39 8.30
CA SER B 28 7.96 -1.36 7.65
C SER B 28 9.19 -0.74 6.97
N PHE B 29 10.33 -0.82 7.65
CA PHE B 29 11.55 -0.15 7.17
C PHE B 29 12.01 -0.57 5.76
N THR B 30 11.89 -1.86 5.44
CA THR B 30 12.36 -2.43 4.15
C THR B 30 11.46 -2.11 2.97
N SER B 31 10.33 -1.43 3.24
CA SER B 31 9.30 -1.23 2.21
C SER B 31 9.29 0.16 1.60
N TYR B 32 9.92 1.10 2.30
CA TYR B 32 9.95 2.50 1.87
C TYR B 32 11.37 3.03 1.65
N TRP B 33 11.59 3.62 0.46
CA TRP B 33 12.78 4.42 0.18
C TRP B 33 13.03 5.57 1.19
N MET B 34 14.23 5.57 1.78
CA MET B 34 14.71 6.62 2.70
C MET B 34 15.54 7.60 1.91
N HIS B 35 15.19 8.87 1.97
CA HIS B 35 15.83 9.91 1.17
C HIS B 35 16.67 10.79 2.06
N TRP B 36 17.79 11.30 1.52
CA TRP B 36 18.61 12.27 2.23
C TRP B 36 18.61 13.64 1.54
N VAL B 37 18.24 14.67 2.31
CA VAL B 37 18.14 16.04 1.83
C VAL B 37 19.18 16.91 2.52
N LYS B 38 19.83 17.83 1.78
CA LYS B 38 20.80 18.79 2.35
C LYS B 38 20.28 20.23 2.40
N GLN B 39 20.51 20.93 3.51
CA GLN B 39 20.11 22.35 3.59
C GLN B 39 21.21 23.24 4.14
N ARG B 40 21.83 24.07 3.29
CA ARG B 40 22.76 25.15 3.72
C ARG B 40 21.99 26.46 3.95
N PRO B 41 22.32 27.21 5.02
CA PRO B 41 21.61 28.48 5.35
C PRO B 41 21.42 29.45 4.18
N GLY B 42 20.18 29.89 3.95
CA GLY B 42 19.83 30.67 2.76
C GLY B 42 20.37 30.06 1.47
N GLN B 43 19.72 29.00 0.99
CA GLN B 43 20.17 28.32 -0.24
C GLN B 43 19.29 27.11 -0.67
N GLY B 44 18.19 26.89 0.05
CA GLY B 44 17.17 25.92 -0.37
C GLY B 44 17.60 24.46 -0.33
N LEU B 45 16.62 23.58 -0.24
CA LEU B 45 16.88 22.16 -0.06
C LEU B 45 17.40 21.47 -1.34
N GLU B 46 18.47 20.67 -1.22
CA GLU B 46 18.93 19.79 -2.30
C GLU B 46 18.75 18.32 -1.96
N TRP B 47 18.33 17.55 -2.95
CA TRP B 47 18.18 16.10 -2.79
C TRP B 47 19.50 15.41 -3.05
N ILE B 48 19.96 14.61 -2.09
CA ILE B 48 21.23 13.91 -2.22
C ILE B 48 21.07 12.54 -2.85
N GLY B 49 20.30 11.70 -2.18
CA GLY B 49 20.12 10.36 -2.64
C GLY B 49 19.06 9.66 -1.80
N ALA B 50 18.90 8.37 -2.09
CA ALA B 50 17.91 7.54 -1.43
C ALA B 50 18.34 6.10 -1.53
N VAL B 51 17.94 5.32 -0.52
CA VAL B 51 18.30 3.92 -0.44
C VAL B 51 17.01 3.15 -0.26
N TYR B 52 16.89 2.02 -0.96
CA TYR B 52 15.75 1.14 -0.75
C TYR B 52 16.12 -0.04 0.14
N PRO B 53 15.86 0.04 1.47
CA PRO B 53 16.40 -0.98 2.37
C PRO B 53 15.95 -2.40 2.04
N GLY B 54 14.85 -2.55 1.32
CA GLY B 54 14.34 -3.87 0.97
C GLY B 54 15.18 -4.68 -0.02
N ASN B 55 16.13 -4.04 -0.67
CA ASN B 55 17.03 -4.71 -1.60
C ASN B 55 18.35 -3.95 -1.65
N SER B 56 18.54 -3.10 -0.66
CA SER B 56 19.75 -2.30 -0.50
C SER B 56 20.18 -1.49 -1.73
N ASP B 57 19.25 -1.25 -2.64
CA ASP B 57 19.58 -0.49 -3.82
C ASP B 57 19.53 1.02 -3.54
N THR B 58 20.35 1.77 -4.29
CA THR B 58 20.55 3.20 -4.05
C THR B 58 20.58 4.05 -5.33
N SER B 59 20.05 5.25 -5.23
CA SER B 59 20.05 6.22 -6.29
C SER B 59 20.59 7.55 -5.74
N TYR B 60 21.54 8.16 -6.47
CA TYR B 60 22.23 9.41 -6.07
C TYR B 60 22.03 10.51 -7.07
N ASN B 61 21.75 11.72 -6.58
CA ASN B 61 21.89 12.95 -7.36
C ASN B 61 23.24 13.00 -8.06
N GLN B 62 23.27 13.39 -9.33
CA GLN B 62 24.58 13.51 -10.03
C GLN B 62 25.56 14.38 -9.22
N LYS B 63 25.06 15.51 -8.73
CA LYS B 63 25.80 16.39 -7.83
C LYS B 63 26.45 15.75 -6.59
N PHE B 64 26.14 14.51 -6.25
CA PHE B 64 26.76 13.95 -5.05
C PHE B 64 27.35 12.59 -5.26
N LYS B 65 27.36 12.12 -6.53
CA LYS B 65 27.96 10.83 -6.84
C LYS B 65 29.25 10.65 -6.05
N GLY B 66 30.20 11.58 -6.18
CA GLY B 66 31.42 11.60 -5.38
C GLY B 66 31.20 11.66 -3.87
N LYS B 67 30.38 12.61 -3.42
CA LYS B 67 30.24 12.99 -1.99
C LYS B 67 29.69 11.97 -1.02
N ALA B 68 28.66 11.23 -1.41
CA ALA B 68 27.87 10.51 -0.43
C ALA B 68 27.83 9.02 -0.66
N LYS B 69 27.83 8.26 0.44
CA LYS B 69 27.51 6.85 0.39
C LYS B 69 26.37 6.49 1.33
N LEU B 70 25.29 5.97 0.74
CA LEU B 70 24.13 5.52 1.51
C LEU B 70 24.02 4.01 1.65
N THR B 71 23.57 3.61 2.83
CA THR B 71 23.61 2.23 3.28
C THR B 71 22.46 2.02 4.27
N ALA B 72 21.99 0.79 4.39
CA ALA B 72 21.00 0.50 5.42
C ALA B 72 21.31 -0.77 6.17
N VAL B 73 20.88 -0.82 7.42
CA VAL B 73 21.01 -2.00 8.22
C VAL B 73 19.60 -2.34 8.65
N THR B 74 19.13 -3.51 8.21
CA THR B 74 17.70 -3.71 8.30
C THR B 74 17.33 -4.29 9.63
N SER B 75 18.20 -5.10 10.22
CA SER B 75 18.05 -5.55 11.61
C SER B 75 17.87 -4.40 12.63
N ALA B 76 18.29 -3.21 12.23
CA ALA B 76 18.38 -2.09 13.15
C ALA B 76 17.49 -0.90 12.69
N SER B 77 16.79 -1.10 11.58
CA SER B 77 15.84 -0.10 11.03
C SER B 77 16.48 1.21 10.75
N THR B 78 17.78 1.19 10.51
CA THR B 78 18.60 2.39 10.42
C THR B 78 19.14 2.59 9.02
N ALA B 79 19.18 3.84 8.60
CA ALA B 79 19.89 4.13 7.39
C ALA B 79 21.05 5.03 7.74
N TYR B 80 22.15 4.85 7.00
CA TYR B 80 23.38 5.61 7.21
C TYR B 80 23.78 6.41 5.98
N MET B 81 24.37 7.56 6.22
CA MET B 81 24.96 8.37 5.16
C MET B 81 26.35 8.80 5.57
N GLU B 82 27.30 8.60 4.67
CA GLU B 82 28.70 8.93 4.92
C GLU B 82 29.20 9.85 3.81
N LEU B 83 29.72 11.00 4.26
CA LEU B 83 30.16 12.10 3.41
C LEU B 83 31.65 12.23 3.57
N SER B 84 32.34 12.22 2.43
CA SER B 84 33.79 12.18 2.39
C SER B 84 34.42 13.39 1.67
N SER B 85 35.71 13.63 1.96
CA SER B 85 36.47 14.73 1.37
C SER B 85 35.90 16.09 1.74
N LEU B 86 35.61 16.27 3.03
CA LEU B 86 34.82 17.41 3.48
C LEU B 86 35.34 18.80 3.10
N THR B 87 34.43 19.75 3.02
CA THR B 87 34.71 21.12 2.62
C THR B 87 33.80 22.07 3.38
N ASN B 88 34.10 23.36 3.41
CA ASN B 88 33.16 24.30 4.03
C ASN B 88 31.80 24.20 3.39
N GLU B 89 31.81 23.97 2.07
CA GLU B 89 30.62 23.73 1.28
C GLU B 89 29.71 22.69 1.94
N ASP B 90 30.30 21.69 2.59
CA ASP B 90 29.54 20.57 3.12
C ASP B 90 28.98 20.85 4.51
N SER B 91 29.17 22.07 5.00
CA SER B 91 28.61 22.54 6.28
C SER B 91 27.14 22.91 6.15
N ALA B 92 26.27 22.09 6.72
CA ALA B 92 24.83 22.18 6.47
C ALA B 92 24.03 21.31 7.42
N VAL B 93 22.70 21.40 7.29
CA VAL B 93 21.80 20.39 7.84
C VAL B 93 21.36 19.32 6.81
N TYR B 94 21.46 18.08 7.29
CA TYR B 94 21.16 16.93 6.51
C TYR B 94 20.00 16.14 7.14
N TYR B 95 19.04 15.79 6.31
CA TYR B 95 17.86 15.17 6.79
C TYR B 95 17.74 13.83 6.10
N CYS B 96 17.16 12.87 6.78
CA CYS B 96 16.60 11.70 6.12
C CYS B 96 15.11 11.88 6.11
N SER B 97 14.44 11.38 5.07
CA SER B 97 12.97 11.44 5.03
C SER B 97 12.39 10.17 4.39
N ARG B 98 11.18 9.81 4.80
CA ARG B 98 10.52 8.62 4.26
C ARG B 98 9.63 8.95 3.06
N SER B 99 9.79 8.22 1.97
CA SER B 99 8.85 8.33 0.87
C SER B 99 7.46 8.08 1.42
N SER B 100 6.50 8.81 0.89
CA SER B 100 5.13 8.74 1.40
C SER B 100 4.38 7.55 0.80
N LEU B 101 4.96 6.92 -0.22
CA LEU B 101 4.39 5.67 -0.70
C LEU B 101 5.36 4.52 -0.58
N ASP B 102 4.85 3.33 -0.20
CA ASP B 102 5.71 2.13 -0.14
C ASP B 102 5.91 1.61 -1.53
N GLY B 103 6.82 0.69 -1.69
CA GLY B 103 7.10 0.17 -3.01
C GLY B 103 8.36 0.73 -3.64
N TYR B 104 8.96 -0.14 -4.46
CA TYR B 104 10.27 0.09 -5.05
C TYR B 104 10.26 1.02 -6.25
N TYR B 105 9.12 1.09 -6.95
CA TYR B 105 9.03 1.86 -8.22
C TYR B 105 8.54 3.29 -8.09
N VAL B 106 8.22 3.69 -6.87
CA VAL B 106 7.86 5.06 -6.57
C VAL B 106 9.12 5.77 -6.03
N LYS B 107 10.20 5.70 -6.84
CA LYS B 107 11.50 6.22 -6.45
C LYS B 107 11.33 7.69 -6.16
N ASN B 108 10.86 8.44 -7.15
CA ASN B 108 10.72 9.88 -7.00
C ASN B 108 9.32 10.27 -6.59
N TRP B 109 9.06 10.30 -5.29
CA TRP B 109 7.77 10.76 -4.78
C TRP B 109 8.04 11.86 -3.78
N CYS B 110 7.07 12.17 -2.94
CA CYS B 110 7.30 13.16 -1.90
C CYS B 110 7.56 12.42 -0.61
N PHE B 111 7.73 13.15 0.48
CA PHE B 111 8.08 12.52 1.75
C PHE B 111 7.03 12.88 2.76
N ASP B 112 6.59 11.93 3.58
CA ASP B 112 5.60 12.20 4.65
C ASP B 112 6.25 12.38 6.03
N VAL B 113 7.42 11.79 6.24
CA VAL B 113 8.07 11.88 7.53
C VAL B 113 9.52 12.33 7.34
N TRP B 114 9.92 13.39 8.05
CA TRP B 114 11.34 13.82 8.14
C TRP B 114 11.96 13.58 9.52
N GLY B 115 13.28 13.45 9.57
CA GLY B 115 13.99 13.45 10.84
C GLY B 115 14.33 14.87 11.20
N GLN B 116 14.69 15.12 12.45
CA GLN B 116 14.92 16.49 12.89
C GLN B 116 16.18 17.12 12.25
N GLY B 117 17.02 16.33 11.61
CA GLY B 117 18.23 16.90 11.02
C GLY B 117 19.49 16.64 11.82
N THR B 118 20.61 16.51 11.12
CA THR B 118 21.93 16.28 11.72
C THR B 118 22.74 17.47 11.23
N THR B 119 23.54 18.10 12.11
CA THR B 119 24.34 19.25 11.68
C THR B 119 25.81 18.96 11.43
N VAL B 120 26.29 19.28 10.23
CA VAL B 120 27.70 19.05 9.93
C VAL B 120 28.44 20.37 9.79
N THR B 121 29.44 20.56 10.63
CA THR B 121 30.23 21.79 10.65
C THR B 121 31.63 21.40 10.20
N VAL B 122 32.14 22.06 9.18
CA VAL B 122 33.43 21.66 8.64
C VAL B 122 34.33 22.85 8.79
N SER B 123 35.38 22.70 9.58
CA SER B 123 36.16 23.84 10.04
C SER B 123 37.57 23.40 10.45
N SER B 124 38.54 24.28 10.27
CA SER B 124 39.91 24.00 10.73
C SER B 124 40.14 24.61 12.12
N ALA B 125 39.12 25.31 12.62
CA ALA B 125 39.19 26.06 13.86
C ALA B 125 39.30 25.17 15.06
N LYS B 126 40.03 25.61 16.08
CA LYS B 126 40.20 24.84 17.31
C LYS B 126 39.20 25.24 18.39
N THR B 127 38.94 24.33 19.33
CA THR B 127 38.04 24.61 20.43
C THR B 127 38.58 25.74 21.31
N THR B 128 37.77 26.78 21.43
CA THR B 128 38.16 28.02 22.07
C THR B 128 36.99 28.39 22.95
N ALA B 129 37.28 28.72 24.22
CA ALA B 129 36.23 29.24 25.08
C ALA B 129 36.05 30.73 24.78
N PRO B 130 34.87 31.28 25.07
CA PRO B 130 34.64 32.64 24.63
C PRO B 130 35.08 33.69 25.66
N SER B 131 35.47 34.88 25.21
CA SER B 131 35.61 36.02 26.13
C SER B 131 34.26 36.62 26.40
N VAL B 132 33.98 36.87 27.67
CA VAL B 132 32.67 37.41 28.02
C VAL B 132 32.83 38.81 28.56
N TYR B 133 32.45 39.80 27.76
CA TYR B 133 32.51 41.18 28.19
C TYR B 133 31.10 41.70 28.49
N PRO B 134 30.92 42.49 29.57
CA PRO B 134 29.63 43.10 29.91
C PRO B 134 29.40 44.47 29.25
N LEU B 135 28.17 44.71 28.77
CA LEU B 135 27.84 45.97 28.12
C LEU B 135 27.03 46.82 29.07
N ALA B 136 27.58 47.97 29.46
CA ALA B 136 26.91 48.90 30.38
C ALA B 136 26.83 50.27 29.72
N PRO B 137 25.72 51.01 29.96
CA PRO B 137 25.38 52.18 29.12
C PRO B 137 26.43 53.29 29.18
N VAL B 138 26.47 54.12 28.14
CA VAL B 138 27.39 55.25 28.03
C VAL B 138 27.49 56.00 29.36
N CYS B 139 28.72 56.24 29.84
CA CYS B 139 28.96 56.87 31.14
C CYS B 139 27.83 57.82 31.61
N GLY B 140 27.15 57.43 32.68
CA GLY B 140 26.08 58.22 33.31
C GLY B 140 24.80 58.39 32.51
N ASP B 141 24.50 57.43 31.63
CA ASP B 141 23.29 57.49 30.80
C ASP B 141 22.19 56.49 31.21
N THR B 142 21.65 56.67 32.42
CA THR B 142 20.31 56.17 32.75
C THR B 142 19.34 57.13 32.07
N THR B 143 18.95 56.81 30.83
CA THR B 143 18.11 57.71 30.01
C THR B 143 16.75 57.92 30.67
N GLY B 144 15.76 58.33 29.87
CA GLY B 144 14.39 58.56 30.33
C GLY B 144 13.82 57.55 31.33
N SER B 145 13.13 56.53 30.83
CA SER B 145 12.39 55.59 31.70
C SER B 145 13.04 54.22 31.87
N SER B 146 13.43 53.61 30.75
CA SER B 146 13.99 52.28 30.76
C SER B 146 15.51 52.34 30.67
N VAL B 147 16.14 51.17 30.59
CA VAL B 147 17.59 51.04 30.41
C VAL B 147 17.95 49.68 29.79
N THR B 148 18.69 49.72 28.69
CA THR B 148 19.10 48.47 28.10
C THR B 148 20.54 48.16 28.50
N LEU B 149 20.74 46.91 28.89
CA LEU B 149 22.04 46.35 29.22
C LEU B 149 22.36 45.20 28.28
N GLY B 150 23.66 44.97 28.07
CA GLY B 150 24.08 43.92 27.16
C GLY B 150 25.20 42.97 27.58
N CYS B 151 25.42 41.97 26.73
CA CYS B 151 26.46 41.02 26.93
C CYS B 151 27.09 40.64 25.60
N LEU B 152 28.39 40.86 25.49
CA LEU B 152 29.11 40.42 24.32
C LEU B 152 29.89 39.13 24.62
N VAL B 153 29.78 38.14 23.74
CA VAL B 153 30.38 36.83 23.90
C VAL B 153 31.19 36.69 22.64
N LYS B 154 32.52 36.76 22.76
CA LYS B 154 33.43 36.85 21.60
C LYS B 154 34.31 35.62 21.34
N GLY B 155 34.57 35.37 20.07
CA GLY B 155 35.57 34.38 19.60
C GLY B 155 35.60 32.96 20.13
N TYR B 156 34.47 32.28 20.14
CA TYR B 156 34.44 30.92 20.62
C TYR B 156 34.16 30.01 19.44
N PHE B 157 34.42 28.73 19.66
CA PHE B 157 34.16 27.69 18.68
C PHE B 157 34.26 26.40 19.48
N PRO B 158 33.37 25.45 19.18
CA PRO B 158 32.34 25.57 18.18
C PRO B 158 31.06 26.05 18.86
N GLU B 159 30.00 26.13 18.08
CA GLU B 159 28.71 26.41 18.62
C GLU B 159 28.16 25.18 19.38
N PRO B 160 27.31 25.39 20.40
CA PRO B 160 26.75 26.63 20.83
C PRO B 160 27.23 27.07 22.20
N VAL B 161 26.78 28.27 22.53
CA VAL B 161 26.93 28.89 23.81
C VAL B 161 25.50 29.09 24.29
N THR B 162 25.27 29.17 25.60
CA THR B 162 23.91 29.48 26.09
C THR B 162 23.93 30.52 27.17
N LEU B 163 23.04 31.50 27.02
CA LEU B 163 23.12 32.69 27.83
C LEU B 163 21.84 32.84 28.63
N THR B 164 21.92 33.34 29.85
CA THR B 164 20.71 33.73 30.56
C THR B 164 20.96 35.04 31.24
N TRP B 165 19.88 35.70 31.60
CA TRP B 165 19.95 36.88 32.44
C TRP B 165 19.48 36.51 33.85
N ASN B 166 20.22 37.01 34.85
CA ASN B 166 20.04 36.68 36.26
C ASN B 166 19.58 35.25 36.56
N SER B 167 20.44 34.30 36.20
CA SER B 167 20.20 32.87 36.39
C SER B 167 18.93 32.36 35.73
N GLY B 168 18.37 33.15 34.82
CA GLY B 168 17.16 32.76 34.09
C GLY B 168 15.87 33.28 34.70
N SER B 169 15.99 33.89 35.88
CA SER B 169 14.84 34.48 36.56
C SER B 169 14.32 35.67 35.78
N LEU B 170 15.23 36.50 35.28
CA LEU B 170 14.87 37.59 34.40
C LEU B 170 14.89 37.12 32.95
N SER B 171 13.76 37.23 32.25
CA SER B 171 13.58 36.58 30.95
C SER B 171 12.70 37.28 29.91
N SER B 172 11.99 38.34 30.29
CA SER B 172 11.35 39.17 29.25
C SER B 172 12.12 40.44 28.99
N GLY B 173 12.14 40.84 27.73
CA GLY B 173 12.91 42.00 27.33
C GLY B 173 14.33 41.58 27.01
N VAL B 174 14.51 40.27 26.89
CA VAL B 174 15.77 39.76 26.49
C VAL B 174 15.73 39.56 24.98
N HIS B 175 16.82 39.93 24.33
CA HIS B 175 17.04 39.55 22.95
C HIS B 175 18.42 38.94 22.92
N THR B 176 18.46 37.71 22.49
CA THR B 176 19.71 37.05 22.25
C THR B 176 19.82 36.79 20.77
N PHE B 177 20.96 37.19 20.19
CA PHE B 177 21.10 37.17 18.75
C PHE B 177 21.82 35.92 18.25
N PRO B 178 21.51 35.49 17.02
CA PRO B 178 22.23 34.33 16.49
C PRO B 178 23.71 34.64 16.28
N ALA B 179 24.55 33.68 16.65
CA ALA B 179 25.99 33.83 16.52
C ALA B 179 26.38 34.18 15.09
N VAL B 180 27.48 34.91 14.89
CA VAL B 180 28.03 35.08 13.53
C VAL B 180 29.49 34.66 13.46
N LEU B 181 29.93 34.19 12.29
CA LEU B 181 31.34 33.90 12.08
C LEU B 181 32.21 35.16 11.89
N GLN B 182 33.23 35.31 12.73
CA GLN B 182 34.34 36.24 12.47
C GLN B 182 35.59 35.41 12.20
N SER B 183 36.07 35.41 10.96
CA SER B 183 37.24 34.59 10.56
C SER B 183 37.03 33.09 10.82
N ASP B 184 37.50 32.60 11.96
CA ASP B 184 37.38 31.19 12.32
C ASP B 184 36.32 31.01 13.36
N LEU B 185 36.08 32.06 14.14
CA LEU B 185 35.33 32.01 15.41
C LEU B 185 33.95 32.68 15.50
N TYR B 186 33.07 32.10 16.32
CA TYR B 186 31.70 32.61 16.51
C TYR B 186 31.70 33.70 17.53
N THR B 187 30.80 34.65 17.34
CA THR B 187 30.57 35.71 18.32
C THR B 187 29.07 36.03 18.36
N LEU B 188 28.55 36.24 19.57
CA LEU B 188 27.15 36.58 19.67
C LEU B 188 26.96 37.56 20.81
N SER B 189 25.81 38.23 20.79
CA SER B 189 25.47 39.25 21.76
C SER B 189 24.08 38.95 22.32
N SER B 190 23.77 39.56 23.46
CA SER B 190 22.42 39.54 24.00
C SER B 190 22.14 40.84 24.76
N SER B 191 20.94 41.36 24.55
CA SER B 191 20.50 42.59 25.18
C SER B 191 19.47 42.21 26.20
N VAL B 192 19.23 43.10 27.14
CA VAL B 192 18.11 42.96 28.05
C VAL B 192 17.71 44.37 28.41
N THR B 193 16.44 44.72 28.19
CA THR B 193 15.91 46.04 28.60
C THR B 193 15.08 45.88 29.86
N VAL B 194 15.23 46.83 30.79
CA VAL B 194 14.51 46.81 32.07
C VAL B 194 14.40 48.22 32.64
N THR B 195 13.34 48.48 33.41
CA THR B 195 13.00 49.82 33.92
C THR B 195 14.14 50.49 34.72
N SER B 196 14.38 51.78 34.47
CA SER B 196 15.55 52.48 35.02
C SER B 196 15.55 52.61 36.54
N SER B 197 14.45 52.19 37.15
CA SER B 197 14.39 52.10 38.60
C SER B 197 15.01 50.79 39.09
N THR B 198 14.84 49.72 38.33
CA THR B 198 15.47 48.42 38.65
C THR B 198 16.99 48.49 38.80
N ARG B 199 17.62 49.42 38.08
CA ARG B 199 19.07 49.47 38.01
C ARG B 199 19.72 50.87 37.81
N PRO B 200 20.99 51.07 38.26
CA PRO B 200 21.91 50.09 38.87
C PRO B 200 21.60 49.76 40.32
N SER B 201 20.35 49.97 40.73
CA SER B 201 19.92 49.74 42.12
C SER B 201 19.78 48.25 42.48
N GLN B 202 19.49 47.40 41.51
CA GLN B 202 19.70 45.97 41.71
C GLN B 202 20.76 45.42 40.76
N SER B 203 21.25 44.23 41.10
CA SER B 203 22.33 43.63 40.36
C SER B 203 21.79 42.85 39.17
N ILE B 204 22.31 43.17 37.98
CA ILE B 204 22.04 42.35 36.79
C ILE B 204 23.30 41.65 36.30
N THR B 205 23.21 40.31 36.19
CA THR B 205 24.29 39.41 35.76
C THR B 205 23.92 38.55 34.55
N CYS B 206 24.90 38.45 33.65
CA CYS B 206 24.88 37.71 32.41
C CYS B 206 25.47 36.30 32.63
N ASN B 207 24.81 35.26 32.15
CA ASN B 207 25.29 33.92 32.39
C ASN B 207 25.63 33.09 31.15
N VAL B 208 26.90 33.09 30.76
CA VAL B 208 27.29 32.35 29.58
C VAL B 208 27.86 30.99 29.93
N ALA B 209 27.46 30.02 29.12
CA ALA B 209 27.90 28.62 29.21
C ALA B 209 28.32 28.11 27.82
N HIS B 210 29.53 27.61 27.71
CA HIS B 210 30.04 27.03 26.47
C HIS B 210 30.37 25.62 26.88
N PRO B 211 29.47 24.66 26.55
CA PRO B 211 29.59 23.28 26.96
C PRO B 211 30.84 22.63 26.36
N ALA B 212 31.24 23.09 25.18
CA ALA B 212 32.35 22.53 24.40
C ALA B 212 33.72 22.77 25.02
N SER B 213 33.82 23.77 25.88
CA SER B 213 35.06 24.05 26.55
C SER B 213 34.85 24.01 28.05
N SER B 214 33.70 23.52 28.51
CA SER B 214 33.41 23.46 29.94
C SER B 214 33.57 24.81 30.65
N THR B 215 33.14 25.90 29.99
CA THR B 215 33.16 27.25 30.61
C THR B 215 31.78 27.63 31.12
N LYS B 216 31.75 28.27 32.28
CA LYS B 216 30.52 28.86 32.83
C LYS B 216 30.96 30.15 33.50
N VAL B 217 30.54 31.30 32.98
CA VAL B 217 30.96 32.58 33.59
C VAL B 217 29.77 33.43 33.92
N ASP B 218 29.96 34.36 34.86
CA ASP B 218 28.94 35.33 35.21
C ASP B 218 29.52 36.74 35.27
N LYS B 219 29.18 37.57 34.30
CA LYS B 219 29.53 38.97 34.38
C LYS B 219 28.35 39.73 34.93
N LYS B 220 28.54 40.32 36.09
CA LYS B 220 27.62 41.31 36.60
C LYS B 220 27.90 42.61 35.81
N ILE B 221 26.83 43.36 35.50
CA ILE B 221 26.93 44.61 34.73
C ILE B 221 27.17 45.80 35.70
N GLU B 222 28.28 46.52 35.51
CA GLU B 222 28.68 47.60 36.41
C GLU B 222 28.60 48.97 35.76
N PRO B 223 27.99 49.93 36.43
CA PRO B 223 27.90 51.27 35.82
C PRO B 223 29.29 51.76 35.44
N ARG B 224 29.38 52.66 34.45
CA ARG B 224 30.69 53.20 33.99
C ARG B 224 31.07 54.52 34.67
N GLY B 225 32.31 54.60 35.17
CA GLY B 225 32.76 55.78 35.91
C GLY B 225 33.87 56.58 35.27
N PHE C 10 -28.28 -43.18 -30.88
CA PHE C 10 -29.53 -42.38 -30.55
C PHE C 10 -29.63 -40.93 -31.08
N ALA C 11 -30.88 -40.44 -31.27
CA ALA C 11 -31.15 -39.18 -32.03
C ALA C 11 -31.23 -37.88 -31.19
N SER C 12 -31.50 -38.02 -29.90
CA SER C 12 -31.71 -36.84 -29.06
C SER C 12 -30.41 -36.49 -28.35
N GLN C 13 -29.35 -37.21 -28.70
CA GLN C 13 -28.01 -36.86 -28.26
C GLN C 13 -27.52 -35.57 -28.94
N ALA C 14 -28.21 -35.18 -30.00
CA ALA C 14 -27.87 -33.95 -30.75
C ALA C 14 -27.85 -32.70 -29.88
N VAL C 15 -28.74 -32.65 -28.88
CA VAL C 15 -28.92 -31.47 -28.01
C VAL C 15 -27.65 -31.14 -27.23
N ALA C 16 -26.76 -32.12 -27.12
CA ALA C 16 -25.44 -31.90 -26.54
C ALA C 16 -24.75 -30.74 -27.26
N LYS C 17 -24.68 -30.85 -28.59
CA LYS C 17 -23.92 -29.94 -29.45
C LYS C 17 -23.91 -28.42 -29.12
N PRO C 18 -25.09 -27.76 -29.06
CA PRO C 18 -25.09 -26.33 -28.72
C PRO C 18 -24.35 -26.01 -27.42
N TYR C 19 -24.52 -26.88 -26.41
CA TYR C 19 -23.86 -26.79 -25.11
C TYR C 19 -22.34 -26.84 -25.23
N PHE C 20 -21.84 -27.80 -26.00
CA PHE C 20 -20.41 -27.90 -26.23
C PHE C 20 -19.93 -26.67 -26.96
N VAL C 21 -20.68 -26.27 -27.99
CA VAL C 21 -20.25 -25.12 -28.79
C VAL C 21 -20.15 -23.88 -27.92
N PHE C 22 -21.27 -23.46 -27.31
CA PHE C 22 -21.25 -22.29 -26.40
C PHE C 22 -20.12 -22.38 -25.38
N ALA C 23 -19.96 -23.56 -24.75
CA ALA C 23 -18.91 -23.78 -23.76
C ALA C 23 -17.53 -23.35 -24.28
N LEU C 24 -17.21 -23.76 -25.49
CA LEU C 24 -15.99 -23.32 -26.12
C LEU C 24 -15.97 -21.79 -26.36
N ILE C 25 -17.09 -21.23 -26.81
CA ILE C 25 -17.15 -19.78 -27.00
C ILE C 25 -16.74 -19.10 -25.68
N LEU C 26 -17.39 -19.46 -24.57
CA LEU C 26 -17.15 -18.76 -23.32
C LEU C 26 -15.75 -19.00 -22.82
N PHE C 27 -15.19 -20.17 -23.15
CA PHE C 27 -13.86 -20.52 -22.70
C PHE C 27 -12.86 -19.50 -23.19
N VAL C 28 -12.88 -19.24 -24.49
CA VAL C 28 -12.15 -18.12 -25.10
C VAL C 28 -12.22 -16.78 -24.29
N GLY C 29 -13.44 -16.30 -24.02
CA GLY C 29 -13.66 -15.06 -23.27
C GLY C 29 -12.99 -15.07 -21.90
N GLN C 30 -13.08 -16.20 -21.20
CA GLN C 30 -12.48 -16.37 -19.88
C GLN C 30 -10.93 -16.28 -19.91
N ILE C 31 -10.34 -16.64 -21.04
CA ILE C 31 -8.90 -16.51 -21.24
C ILE C 31 -8.52 -15.05 -21.48
N LEU C 32 -9.36 -14.32 -22.23
CA LEU C 32 -9.03 -12.93 -22.59
C LEU C 32 -9.08 -12.02 -21.39
N PHE C 33 -9.93 -12.35 -20.43
CA PHE C 33 -10.05 -11.56 -19.20
C PHE C 33 -9.03 -11.95 -18.09
N GLY C 34 -8.45 -13.12 -18.22
CA GLY C 34 -7.29 -13.46 -17.42
C GLY C 34 -6.08 -12.73 -17.95
N LEU C 35 -6.02 -12.61 -19.28
CA LEU C 35 -4.94 -11.89 -19.93
C LEU C 35 -4.99 -10.43 -19.55
N ILE C 36 -6.18 -9.86 -19.52
CA ILE C 36 -6.32 -8.47 -19.05
C ILE C 36 -5.84 -8.31 -17.59
N MET C 37 -6.34 -9.17 -16.71
CA MET C 37 -5.86 -9.21 -15.32
C MET C 37 -4.34 -9.39 -15.19
N GLY C 38 -3.81 -10.33 -15.98
CA GLY C 38 -2.40 -10.72 -15.90
C GLY C 38 -1.44 -9.59 -16.17
N LEU C 39 -1.84 -8.72 -17.10
CA LEU C 39 -1.11 -7.52 -17.41
C LEU C 39 -1.31 -6.42 -16.36
N GLN C 40 -2.54 -6.25 -15.89
CA GLN C 40 -2.85 -5.27 -14.85
C GLN C 40 -1.97 -5.49 -13.60
N TYR C 41 -1.62 -6.75 -13.33
CA TYR C 41 -0.71 -7.09 -12.24
C TYR C 41 0.61 -6.31 -12.28
N VAL C 42 1.06 -6.00 -13.51
CA VAL C 42 2.35 -5.33 -13.76
C VAL C 42 2.26 -4.00 -14.50
N VAL C 43 1.07 -3.59 -14.88
CA VAL C 43 0.91 -2.24 -15.41
C VAL C 43 -0.28 -1.60 -14.72
N GLY C 44 -0.19 -1.54 -13.39
CA GLY C 44 -1.27 -1.13 -12.48
C GLY C 44 -2.53 -0.46 -13.02
N ASP C 45 -2.34 0.48 -13.94
CA ASP C 45 -3.45 1.27 -14.50
C ASP C 45 -3.99 0.83 -15.86
N PHE C 46 -3.60 -0.35 -16.36
CA PHE C 46 -4.07 -0.86 -17.67
C PHE C 46 -5.60 -1.05 -17.73
N LEU C 47 -6.19 -0.64 -18.85
CA LEU C 47 -7.65 -0.51 -18.99
C LEU C 47 -8.42 0.24 -17.87
N PHE C 48 -7.70 0.93 -16.99
CA PHE C 48 -8.32 1.73 -15.91
C PHE C 48 -8.75 3.11 -16.44
N PRO C 49 -9.80 3.69 -15.86
CA PRO C 49 -10.74 3.09 -14.92
C PRO C 49 -11.80 2.25 -15.64
N ALA C 50 -11.66 2.08 -16.96
CA ALA C 50 -12.70 1.47 -17.77
C ALA C 50 -13.02 0.07 -17.29
N ILE C 51 -11.99 -0.78 -17.25
CA ILE C 51 -12.16 -2.13 -16.73
C ILE C 51 -11.24 -2.36 -15.52
N PRO C 52 -11.71 -1.97 -14.32
CA PRO C 52 -11.04 -2.28 -13.06
C PRO C 52 -10.66 -3.73 -13.02
N PHE C 53 -9.64 -4.04 -12.24
CA PHE C 53 -9.25 -5.42 -12.08
C PHE C 53 -10.43 -6.26 -11.62
N ASN C 54 -11.09 -5.79 -10.56
CA ASN C 54 -12.21 -6.52 -9.99
C ASN C 54 -13.36 -6.87 -10.97
N VAL C 55 -13.65 -5.99 -11.93
CA VAL C 55 -14.58 -6.28 -13.02
C VAL C 55 -14.00 -7.34 -13.98
N ALA C 56 -12.72 -7.22 -14.32
CA ALA C 56 -12.09 -8.21 -15.20
C ALA C 56 -12.14 -9.57 -14.56
N ARG C 57 -11.94 -9.57 -13.25
CA ARG C 57 -11.89 -10.82 -12.49
C ARG C 57 -13.21 -11.58 -12.44
N MET C 58 -14.31 -10.87 -12.16
CA MET C 58 -15.60 -11.54 -12.02
C MET C 58 -16.03 -12.10 -13.34
N VAL C 59 -15.75 -11.35 -14.42
CA VAL C 59 -15.94 -11.90 -15.76
C VAL C 59 -15.10 -13.17 -15.87
N HIS C 60 -13.79 -13.10 -15.59
CA HIS C 60 -12.86 -14.26 -15.67
C HIS C 60 -13.36 -15.47 -14.89
N THR C 61 -13.75 -15.28 -13.63
CA THR C 61 -14.14 -16.43 -12.85
C THR C 61 -15.55 -16.90 -13.07
N ASN C 62 -16.43 -16.01 -13.52
CA ASN C 62 -17.82 -16.43 -13.81
C ASN C 62 -17.95 -17.17 -15.16
N LEU C 63 -17.28 -16.66 -16.18
CA LEU C 63 -17.21 -17.36 -17.43
C LEU C 63 -16.65 -18.75 -17.17
N LEU C 64 -15.70 -18.88 -16.23
CA LEU C 64 -15.15 -20.21 -15.89
C LEU C 64 -16.21 -21.19 -15.41
N ILE C 65 -16.88 -20.81 -14.34
CA ILE C 65 -17.91 -21.67 -13.78
C ILE C 65 -19.01 -21.95 -14.79
N VAL C 66 -19.49 -20.91 -15.45
CA VAL C 66 -20.60 -21.08 -16.40
C VAL C 66 -20.25 -21.97 -17.57
N TRP C 67 -19.05 -21.81 -18.14
CA TRP C 67 -18.67 -22.58 -19.31
C TRP C 67 -18.47 -24.03 -18.94
N LEU C 68 -17.99 -24.27 -17.71
CA LEU C 68 -17.83 -25.64 -17.21
C LEU C 68 -19.18 -26.31 -17.04
N LEU C 69 -20.15 -25.58 -16.51
CA LEU C 69 -21.55 -26.07 -16.39
C LEU C 69 -22.20 -26.42 -17.75
N PHE C 70 -21.98 -25.59 -18.76
CA PHE C 70 -22.51 -25.92 -20.06
C PHE C 70 -21.88 -27.25 -20.49
N GLY C 71 -20.59 -27.43 -20.21
CA GLY C 71 -19.89 -28.66 -20.60
C GLY C 71 -20.48 -29.89 -19.92
N PHE C 72 -20.67 -29.79 -18.62
CA PHE C 72 -21.32 -30.85 -17.86
C PHE C 72 -22.73 -31.16 -18.38
N MET C 73 -23.54 -30.12 -18.58
CA MET C 73 -24.88 -30.31 -19.08
C MET C 73 -24.78 -30.98 -20.43
N GLY C 74 -24.01 -30.37 -21.33
CA GLY C 74 -23.71 -30.96 -22.63
C GLY C 74 -23.36 -32.42 -22.48
N ALA C 75 -22.43 -32.70 -21.56
CA ALA C 75 -22.00 -34.06 -21.27
C ALA C 75 -23.15 -34.99 -20.80
N ALA C 76 -23.97 -34.53 -19.85
CA ALA C 76 -25.15 -35.28 -19.42
C ALA C 76 -26.15 -35.58 -20.57
N TYR C 77 -26.45 -34.55 -21.37
CA TYR C 77 -27.29 -34.70 -22.59
C TYR C 77 -26.76 -35.74 -23.62
N TYR C 78 -25.44 -35.85 -23.74
CA TYR C 78 -24.88 -36.87 -24.64
C TYR C 78 -24.96 -38.31 -24.09
N LEU C 79 -24.29 -38.55 -22.96
CA LEU C 79 -24.10 -39.89 -22.40
C LEU C 79 -25.35 -40.49 -21.77
N VAL C 80 -26.30 -39.64 -21.38
CA VAL C 80 -27.48 -40.14 -20.65
C VAL C 80 -28.49 -40.95 -21.47
N PRO C 81 -28.76 -40.51 -22.73
CA PRO C 81 -29.43 -41.42 -23.67
C PRO C 81 -28.72 -42.76 -24.03
N GLU C 82 -27.37 -42.79 -24.14
CA GLU C 82 -26.64 -44.05 -24.39
C GLU C 82 -26.74 -45.02 -23.24
N GLU C 83 -26.49 -44.51 -22.04
CA GLU C 83 -26.52 -45.34 -20.84
C GLU C 83 -27.90 -45.93 -20.62
N SER C 84 -28.90 -45.02 -20.55
CA SER C 84 -30.31 -45.34 -20.28
C SER C 84 -30.99 -46.15 -21.38
N ASP C 85 -30.27 -46.33 -22.48
CA ASP C 85 -30.75 -47.03 -23.67
C ASP C 85 -32.14 -46.55 -24.07
N CYS C 86 -32.29 -45.24 -24.20
CA CYS C 86 -33.51 -44.63 -24.75
C CYS C 86 -33.35 -43.13 -25.06
N GLU C 87 -34.36 -42.54 -25.69
CA GLU C 87 -34.33 -41.13 -26.06
C GLU C 87 -34.45 -40.24 -24.83
N LEU C 88 -33.88 -39.04 -24.90
CA LEU C 88 -33.99 -38.03 -23.83
C LEU C 88 -35.41 -37.57 -23.72
N TYR C 89 -35.88 -37.45 -22.48
CA TYR C 89 -37.25 -37.06 -22.18
C TYR C 89 -37.82 -35.85 -22.95
N SER C 90 -36.96 -34.92 -23.36
CA SER C 90 -37.45 -33.71 -24.03
C SER C 90 -36.36 -32.96 -24.82
N PRO C 91 -36.23 -33.28 -26.10
CA PRO C 91 -35.33 -32.44 -26.88
C PRO C 91 -35.68 -30.95 -26.76
N LYS C 92 -36.97 -30.58 -26.85
CA LYS C 92 -37.37 -29.15 -26.83
C LYS C 92 -37.13 -28.46 -25.47
N LEU C 93 -37.29 -29.19 -24.39
CA LEU C 93 -36.86 -28.69 -23.10
C LEU C 93 -35.36 -28.39 -23.15
N ALA C 94 -34.54 -29.33 -23.60
CA ALA C 94 -33.10 -29.05 -23.76
C ALA C 94 -32.78 -27.77 -24.54
N TRP C 95 -33.49 -27.55 -25.64
CA TRP C 95 -33.22 -26.39 -26.49
C TRP C 95 -33.73 -25.11 -25.87
N ILE C 96 -34.91 -25.18 -25.24
CA ILE C 96 -35.50 -24.02 -24.50
C ILE C 96 -34.64 -23.59 -23.32
N LEU C 97 -34.19 -24.56 -22.55
CA LEU C 97 -33.21 -24.28 -21.53
C LEU C 97 -31.94 -23.64 -22.12
N PHE C 98 -31.24 -24.34 -23.01
CA PHE C 98 -30.03 -23.76 -23.61
C PHE C 98 -30.12 -22.23 -23.84
N TRP C 99 -31.18 -21.77 -24.51
CA TRP C 99 -31.29 -20.36 -24.82
C TRP C 99 -31.54 -19.53 -23.58
N VAL C 100 -32.23 -20.10 -22.59
CA VAL C 100 -32.46 -19.37 -21.34
C VAL C 100 -31.19 -19.23 -20.45
N PHE C 101 -30.39 -20.28 -20.38
CA PHE C 101 -29.10 -20.22 -19.69
C PHE C 101 -28.18 -19.26 -20.42
N ALA C 102 -28.09 -19.39 -21.75
CA ALA C 102 -27.29 -18.48 -22.57
C ALA C 102 -27.65 -17.01 -22.37
N ALA C 103 -28.93 -16.69 -22.49
CA ALA C 103 -29.41 -15.30 -22.34
C ALA C 103 -29.14 -14.70 -20.95
N ALA C 104 -29.46 -15.48 -19.91
CA ALA C 104 -29.14 -15.12 -18.55
C ALA C 104 -27.64 -14.89 -18.39
N GLY C 105 -26.86 -15.84 -18.88
CA GLY C 105 -25.39 -15.77 -18.81
C GLY C 105 -24.78 -14.61 -19.55
N VAL C 106 -25.29 -14.32 -20.73
CA VAL C 106 -24.80 -13.18 -21.50
C VAL C 106 -25.17 -11.89 -20.80
N LEU C 107 -26.44 -11.73 -20.47
CA LEU C 107 -26.89 -10.53 -19.77
C LEU C 107 -26.04 -10.21 -18.55
N THR C 108 -25.79 -11.20 -17.67
CA THR C 108 -25.02 -10.95 -16.43
C THR C 108 -23.58 -10.44 -16.63
N ILE C 109 -22.77 -11.20 -17.36
CA ILE C 109 -21.45 -10.75 -17.81
C ILE C 109 -21.48 -9.30 -18.34
N LEU C 110 -22.47 -8.98 -19.18
CA LEU C 110 -22.64 -7.64 -19.71
C LEU C 110 -22.86 -6.58 -18.64
N GLY C 111 -23.79 -6.84 -17.70
CA GLY C 111 -23.98 -5.98 -16.51
C GLY C 111 -22.68 -5.72 -15.76
N TYR C 112 -21.95 -6.80 -15.47
CA TYR C 112 -20.58 -6.75 -14.96
C TYR C 112 -19.75 -5.66 -15.63
N LEU C 113 -19.70 -5.77 -16.96
CA LEU C 113 -18.90 -4.92 -17.81
C LEU C 113 -19.50 -3.55 -17.96
N LEU C 114 -20.80 -3.50 -18.19
CA LEU C 114 -21.45 -2.22 -18.51
C LEU C 114 -21.87 -1.36 -17.34
N VAL C 115 -21.97 -1.94 -16.16
CA VAL C 115 -22.38 -1.15 -15.00
C VAL C 115 -21.32 -1.14 -13.87
N PRO C 116 -21.13 0.04 -13.24
CA PRO C 116 -20.63 0.04 -11.88
C PRO C 116 -21.41 -0.98 -11.06
N TYR C 117 -20.77 -2.07 -10.68
CA TYR C 117 -21.38 -3.11 -9.83
C TYR C 117 -22.36 -2.61 -8.75
N ALA C 118 -22.04 -1.49 -8.09
CA ALA C 118 -22.93 -0.86 -7.09
C ALA C 118 -24.27 -0.42 -7.69
N GLY C 119 -24.18 0.12 -8.90
CA GLY C 119 -25.33 0.43 -9.73
C GLY C 119 -26.07 -0.81 -10.22
N LEU C 120 -25.32 -1.85 -10.63
CA LEU C 120 -25.90 -3.15 -10.98
C LEU C 120 -26.56 -3.79 -9.73
N ALA C 121 -26.03 -3.48 -8.55
CA ALA C 121 -26.67 -3.88 -7.31
C ALA C 121 -28.05 -3.21 -7.14
N ARG C 122 -28.11 -1.87 -7.21
CA ARG C 122 -29.36 -1.11 -7.06
C ARG C 122 -30.37 -1.51 -8.12
N LEU C 123 -29.92 -1.40 -9.36
CA LEU C 123 -30.66 -1.76 -10.58
C LEU C 123 -31.33 -3.15 -10.62
N THR C 124 -30.72 -4.16 -9.99
CA THR C 124 -31.33 -5.49 -9.91
C THR C 124 -31.95 -5.76 -8.53
N GLY C 125 -32.14 -4.69 -7.76
CA GLY C 125 -32.79 -4.75 -6.45
C GLY C 125 -32.10 -5.55 -5.35
N ASN C 126 -30.77 -5.53 -5.31
CA ASN C 126 -29.99 -6.27 -4.29
C ASN C 126 -30.41 -6.00 -2.83
N GLU C 127 -30.83 -4.77 -2.55
CA GLU C 127 -31.19 -4.34 -1.18
C GLU C 127 -32.19 -5.29 -0.58
N LEU C 128 -33.10 -5.80 -1.42
CA LEU C 128 -34.21 -6.66 -1.03
C LEU C 128 -33.74 -8.07 -0.64
N TRP C 129 -32.98 -8.70 -1.53
CA TRP C 129 -32.36 -10.01 -1.27
C TRP C 129 -30.86 -9.92 -1.56
N PRO C 130 -30.06 -9.42 -0.58
CA PRO C 130 -28.62 -9.23 -0.82
C PRO C 130 -27.79 -10.52 -0.90
N THR C 131 -27.46 -10.96 -2.12
CA THR C 131 -26.66 -12.18 -2.34
C THR C 131 -25.39 -11.92 -3.17
N MET C 132 -25.28 -10.69 -3.68
CA MET C 132 -24.22 -10.22 -4.57
C MET C 132 -22.90 -9.85 -3.88
N GLY C 133 -21.81 -9.93 -4.64
CA GLY C 133 -20.51 -9.42 -4.24
C GLY C 133 -19.66 -10.32 -3.34
N ARG C 134 -20.05 -11.60 -3.23
CA ARG C 134 -19.23 -12.61 -2.55
C ARG C 134 -18.49 -13.39 -3.63
N GLU C 135 -17.35 -13.98 -3.26
CA GLU C 135 -16.43 -14.51 -4.26
C GLU C 135 -17.01 -15.69 -5.04
N PHE C 136 -16.92 -15.62 -6.38
CA PHE C 136 -17.55 -16.54 -7.33
C PHE C 136 -19.07 -16.37 -7.47
N LEU C 137 -19.67 -15.65 -6.51
CA LEU C 137 -21.12 -15.37 -6.46
C LEU C 137 -21.47 -13.88 -6.68
N GLU C 138 -20.80 -13.28 -7.67
CA GLU C 138 -21.00 -11.88 -8.02
C GLU C 138 -22.27 -11.63 -8.84
N GLN C 139 -22.97 -12.68 -9.24
CA GLN C 139 -24.07 -12.49 -10.19
C GLN C 139 -25.34 -12.06 -9.46
N PRO C 140 -26.12 -11.13 -10.06
CA PRO C 140 -27.27 -10.59 -9.32
C PRO C 140 -28.24 -11.69 -8.86
N THR C 141 -29.03 -11.43 -7.83
CA THR C 141 -29.95 -12.45 -7.27
C THR C 141 -30.92 -13.01 -8.34
N ILE C 142 -31.36 -12.14 -9.25
CA ILE C 142 -32.25 -12.50 -10.35
C ILE C 142 -31.58 -13.44 -11.35
N SER C 143 -30.26 -13.36 -11.44
CA SER C 143 -29.47 -14.29 -12.25
C SER C 143 -29.42 -15.61 -11.54
N LYS C 144 -29.10 -15.56 -10.25
CA LYS C 144 -29.11 -16.76 -9.41
C LYS C 144 -30.44 -17.52 -9.55
N ALA C 145 -31.56 -16.80 -9.45
CA ALA C 145 -32.91 -17.37 -9.63
C ALA C 145 -33.08 -18.01 -11.00
N GLY C 146 -32.58 -17.32 -12.03
CA GLY C 146 -32.56 -17.83 -13.40
C GLY C 146 -31.88 -19.19 -13.43
N ILE C 147 -30.61 -19.22 -13.03
CA ILE C 147 -29.82 -20.44 -12.99
C ILE C 147 -30.48 -21.62 -12.21
N VAL C 148 -31.17 -21.34 -11.11
CA VAL C 148 -31.90 -22.36 -10.36
C VAL C 148 -33.00 -22.98 -11.23
N ILE C 149 -33.86 -22.12 -11.79
CA ILE C 149 -34.88 -22.57 -12.76
C ILE C 149 -34.21 -23.41 -13.86
N VAL C 150 -33.17 -22.86 -14.51
CA VAL C 150 -32.38 -23.58 -15.54
C VAL C 150 -31.92 -24.96 -15.08
N ALA C 151 -31.41 -25.02 -13.85
CA ALA C 151 -30.97 -26.25 -13.22
C ALA C 151 -32.10 -27.27 -12.98
N LEU C 152 -33.23 -26.81 -12.44
CA LEU C 152 -34.37 -27.69 -12.13
C LEU C 152 -35.05 -28.26 -13.36
N GLY C 153 -35.17 -27.44 -14.41
CA GLY C 153 -35.60 -27.96 -15.73
C GLY C 153 -34.68 -29.06 -16.27
N PHE C 154 -33.37 -28.80 -16.24
CA PHE C 154 -32.34 -29.72 -16.71
C PHE C 154 -32.33 -31.03 -15.95
N LEU C 155 -32.53 -30.93 -14.64
CA LEU C 155 -32.48 -32.11 -13.80
C LEU C 155 -33.68 -33.01 -14.11
N PHE C 156 -34.89 -32.45 -13.95
CA PHE C 156 -36.13 -33.05 -14.41
C PHE C 156 -35.90 -33.78 -15.75
N ASN C 157 -35.63 -33.01 -16.79
CA ASN C 157 -35.41 -33.51 -18.15
C ASN C 157 -34.44 -34.67 -18.18
N VAL C 158 -33.32 -34.51 -17.50
CA VAL C 158 -32.30 -35.53 -17.54
C VAL C 158 -32.73 -36.71 -16.62
N GLY C 159 -33.33 -36.34 -15.47
CA GLY C 159 -33.78 -37.29 -14.43
C GLY C 159 -34.89 -38.24 -14.86
N MET C 160 -35.87 -37.72 -15.61
CA MET C 160 -36.95 -38.51 -16.23
C MET C 160 -36.39 -39.51 -17.23
N THR C 161 -35.35 -39.10 -17.95
CA THR C 161 -34.73 -39.97 -18.92
C THR C 161 -34.07 -41.18 -18.27
N VAL C 162 -33.41 -41.00 -17.14
CA VAL C 162 -32.78 -42.16 -16.51
C VAL C 162 -33.85 -43.06 -15.86
N LEU C 163 -34.97 -42.47 -15.43
CA LEU C 163 -36.02 -43.24 -14.75
C LEU C 163 -36.63 -44.30 -15.66
N ARG C 164 -37.35 -43.88 -16.70
CA ARG C 164 -37.78 -44.80 -17.75
C ARG C 164 -36.57 -45.06 -18.63
N GLY C 165 -35.78 -46.07 -18.27
CA GLY C 165 -34.51 -46.37 -18.99
C GLY C 165 -33.59 -47.27 -18.20
N ARG C 166 -32.43 -47.62 -18.78
CA ARG C 166 -31.42 -48.43 -18.05
C ARG C 166 -30.52 -47.64 -17.04
N LYS C 167 -30.61 -48.03 -15.76
CA LYS C 167 -29.78 -47.45 -14.72
C LYS C 167 -28.39 -48.11 -14.73
N THR C 168 -27.35 -47.35 -15.10
CA THR C 168 -25.96 -47.78 -14.93
C THR C 168 -25.33 -46.95 -13.84
N ALA C 169 -24.32 -47.53 -13.17
CA ALA C 169 -23.61 -46.84 -12.09
C ALA C 169 -23.10 -45.51 -12.60
N ILE C 170 -22.56 -45.57 -13.83
CA ILE C 170 -22.14 -44.38 -14.54
C ILE C 170 -23.26 -43.34 -14.52
N SER C 171 -24.41 -43.68 -15.08
CA SER C 171 -25.52 -42.72 -15.12
C SER C 171 -26.05 -42.30 -13.72
N MET C 172 -26.11 -43.24 -12.78
CA MET C 172 -26.56 -42.94 -11.42
C MET C 172 -25.63 -41.99 -10.66
N VAL C 173 -24.33 -42.35 -10.63
CA VAL C 173 -23.27 -41.52 -10.04
C VAL C 173 -23.30 -40.08 -10.61
N LEU C 174 -23.45 -39.94 -11.94
CA LEU C 174 -23.64 -38.63 -12.61
C LEU C 174 -24.89 -37.92 -12.14
N MET C 175 -25.95 -38.66 -11.94
CA MET C 175 -27.17 -38.03 -11.45
C MET C 175 -27.04 -37.47 -10.03
N THR C 176 -26.43 -38.25 -9.14
CA THR C 176 -26.20 -37.85 -7.78
C THR C 176 -25.43 -36.54 -7.83
N GLY C 177 -24.29 -36.54 -8.52
CA GLY C 177 -23.43 -35.36 -8.67
C GLY C 177 -24.19 -34.13 -9.12
N LEU C 178 -24.94 -34.27 -10.21
CA LEU C 178 -25.73 -33.16 -10.75
C LEU C 178 -26.81 -32.66 -9.80
N ILE C 179 -27.52 -33.58 -9.14
CA ILE C 179 -28.42 -33.24 -8.01
C ILE C 179 -27.66 -32.48 -6.90
N GLY C 180 -26.51 -33.00 -6.48
CA GLY C 180 -25.76 -32.40 -5.38
C GLY C 180 -25.26 -31.02 -5.72
N LEU C 181 -24.84 -30.82 -6.97
CA LEU C 181 -24.33 -29.54 -7.43
C LEU C 181 -25.42 -28.49 -7.27
N ALA C 182 -26.60 -28.85 -7.77
CA ALA C 182 -27.78 -27.98 -7.74
C ALA C 182 -28.36 -27.80 -6.33
N LEU C 183 -28.27 -28.82 -5.48
CA LEU C 183 -28.78 -28.68 -4.12
C LEU C 183 -27.99 -27.62 -3.39
N LEU C 184 -26.68 -27.84 -3.36
CA LEU C 184 -25.75 -26.98 -2.67
C LEU C 184 -25.87 -25.54 -3.14
N PHE C 185 -25.87 -25.35 -4.46
CA PHE C 185 -26.04 -24.02 -5.08
C PHE C 185 -27.10 -23.13 -4.42
N LEU C 186 -28.06 -23.73 -3.72
CA LEU C 186 -29.05 -23.00 -2.96
C LEU C 186 -28.44 -22.13 -1.86
N PHE C 187 -27.37 -22.62 -1.22
CA PHE C 187 -26.72 -21.90 -0.12
C PHE C 187 -26.24 -20.52 -0.52
N SER C 188 -25.99 -20.33 -1.81
CA SER C 188 -25.64 -19.02 -2.37
C SER C 188 -26.79 -17.99 -2.28
N PHE C 189 -27.95 -18.42 -1.81
CA PHE C 189 -29.06 -17.49 -1.57
C PHE C 189 -29.05 -17.08 -0.12
N TYR C 190 -28.34 -17.86 0.69
CA TYR C 190 -28.18 -17.59 2.11
C TYR C 190 -26.91 -16.77 2.32
N ASN C 191 -27.08 -15.53 2.77
CA ASN C 191 -25.98 -14.59 2.97
C ASN C 191 -26.00 -13.99 4.39
N PRO C 192 -25.49 -14.72 5.40
CA PRO C 192 -25.44 -14.24 6.79
C PRO C 192 -24.95 -12.81 6.99
N GLU C 193 -25.51 -12.12 7.99
CA GLU C 193 -25.05 -10.78 8.42
C GLU C 193 -23.70 -10.85 9.12
N ASN C 194 -23.53 -11.89 9.94
CA ASN C 194 -22.24 -12.24 10.51
C ASN C 194 -21.26 -12.74 9.44
N LEU C 195 -20.07 -12.15 9.43
CA LEU C 195 -19.05 -12.37 8.42
C LEU C 195 -18.46 -13.81 8.42
N THR C 196 -18.17 -14.33 9.60
CA THR C 196 -17.72 -15.71 9.72
C THR C 196 -18.83 -16.67 9.31
N ARG C 197 -20.05 -16.41 9.75
CA ARG C 197 -21.16 -17.29 9.39
C ARG C 197 -21.27 -17.30 7.88
N ASP C 198 -21.04 -16.14 7.27
CA ASP C 198 -21.03 -15.99 5.82
C ASP C 198 -19.94 -16.82 5.10
N LYS C 199 -18.70 -16.76 5.60
CA LYS C 199 -17.58 -17.54 5.01
C LYS C 199 -17.75 -19.05 5.20
N PHE C 200 -18.08 -19.44 6.43
CA PHE C 200 -18.36 -20.81 6.77
C PHE C 200 -19.25 -21.46 5.70
N TYR C 201 -20.36 -20.81 5.38
CA TYR C 201 -21.33 -21.34 4.41
C TYR C 201 -20.95 -21.19 2.95
N TRP C 202 -20.02 -20.26 2.69
CA TRP C 202 -19.56 -20.03 1.33
C TRP C 202 -18.80 -21.23 0.79
N TRP C 203 -18.10 -21.93 1.68
CA TRP C 203 -17.31 -23.11 1.32
C TRP C 203 -18.12 -24.38 1.13
N TRP C 204 -19.35 -24.36 1.63
CA TRP C 204 -20.32 -25.37 1.33
C TRP C 204 -20.57 -25.37 -0.17
N VAL C 205 -20.65 -24.20 -0.78
CA VAL C 205 -20.81 -24.10 -2.22
C VAL C 205 -19.50 -24.40 -2.93
N VAL C 206 -18.43 -23.69 -2.60
CA VAL C 206 -17.18 -23.83 -3.38
C VAL C 206 -16.48 -25.21 -3.26
N HIS C 207 -16.19 -25.63 -2.02
CA HIS C 207 -15.39 -26.86 -1.75
C HIS C 207 -16.19 -28.19 -1.91
N LEU C 208 -17.43 -28.23 -1.41
CA LEU C 208 -18.33 -29.37 -1.57
C LEU C 208 -18.82 -29.63 -3.01
N TRP C 209 -18.94 -28.56 -3.78
CA TRP C 209 -18.83 -28.64 -5.22
C TRP C 209 -17.48 -29.26 -5.61
N VAL C 210 -16.45 -28.43 -5.60
CA VAL C 210 -15.21 -28.72 -6.30
C VAL C 210 -14.46 -29.99 -5.85
N GLU C 211 -14.45 -30.24 -4.53
CA GLU C 211 -13.72 -31.37 -3.93
C GLU C 211 -14.68 -32.45 -3.46
N GLY C 212 -15.92 -32.37 -3.94
CA GLY C 212 -16.96 -33.37 -3.69
C GLY C 212 -17.80 -33.75 -4.91
N VAL C 213 -19.07 -33.36 -4.83
CA VAL C 213 -20.08 -33.49 -5.88
C VAL C 213 -19.54 -33.46 -7.32
N TRP C 214 -18.71 -32.45 -7.64
CA TRP C 214 -18.06 -32.28 -8.96
C TRP C 214 -17.13 -33.43 -9.34
N GLU C 215 -16.63 -34.15 -8.33
CA GLU C 215 -15.70 -35.27 -8.54
C GLU C 215 -16.45 -36.50 -9.10
N LEU C 216 -17.67 -36.68 -8.59
CA LEU C 216 -18.65 -37.62 -9.11
C LEU C 216 -18.93 -37.30 -10.56
N ILE C 217 -19.30 -36.07 -10.86
CA ILE C 217 -19.54 -35.64 -12.24
C ILE C 217 -18.33 -35.90 -13.15
N MET C 218 -17.12 -35.63 -12.65
CA MET C 218 -15.92 -35.84 -13.47
C MET C 218 -15.63 -37.32 -13.61
N GLY C 219 -15.73 -38.06 -12.50
CA GLY C 219 -15.47 -39.52 -12.50
C GLY C 219 -16.39 -40.27 -13.47
N ALA C 220 -17.69 -39.99 -13.34
CA ALA C 220 -18.73 -40.55 -14.18
C ALA C 220 -18.50 -40.21 -15.64
N ILE C 221 -18.01 -39.00 -15.92
CA ILE C 221 -17.66 -38.65 -17.30
C ILE C 221 -16.46 -39.47 -17.77
N LEU C 222 -15.39 -39.48 -16.98
CA LEU C 222 -14.18 -40.26 -17.31
C LEU C 222 -14.49 -41.74 -17.56
N ALA C 223 -15.29 -42.31 -16.66
CA ALA C 223 -15.70 -43.71 -16.72
C ALA C 223 -16.39 -44.03 -18.04
N PHE C 224 -17.34 -43.18 -18.40
CA PHE C 224 -18.12 -43.33 -19.62
C PHE C 224 -17.23 -43.32 -20.86
N VAL C 225 -16.25 -42.41 -20.87
CA VAL C 225 -15.33 -42.29 -21.99
C VAL C 225 -14.46 -43.54 -22.06
N LEU C 226 -13.82 -43.90 -20.95
CA LEU C 226 -12.99 -45.10 -20.89
C LEU C 226 -13.74 -46.42 -21.22
N VAL C 227 -15.03 -46.48 -20.88
CA VAL C 227 -15.86 -47.60 -21.30
C VAL C 227 -15.82 -47.59 -22.82
N LYS C 228 -16.24 -46.48 -23.43
CA LYS C 228 -16.42 -46.37 -24.88
C LYS C 228 -15.21 -46.63 -25.82
N ILE C 229 -14.03 -46.13 -25.45
CA ILE C 229 -12.85 -46.17 -26.34
C ILE C 229 -11.95 -47.36 -26.03
N THR C 230 -12.21 -47.99 -24.89
CA THR C 230 -11.31 -48.98 -24.34
C THR C 230 -11.89 -50.37 -24.46
N GLY C 231 -13.22 -50.45 -24.38
CA GLY C 231 -13.95 -51.70 -24.48
C GLY C 231 -13.80 -52.62 -23.28
N VAL C 232 -13.14 -52.13 -22.23
CA VAL C 232 -12.86 -52.89 -20.99
C VAL C 232 -14.16 -53.10 -20.23
N ASP C 233 -14.31 -54.25 -19.57
CA ASP C 233 -15.61 -54.65 -19.04
C ASP C 233 -16.32 -53.60 -18.17
N ARG C 234 -17.52 -53.17 -18.61
CA ARG C 234 -18.31 -52.14 -17.91
C ARG C 234 -18.25 -52.34 -16.39
N GLU C 235 -18.35 -53.60 -15.99
CA GLU C 235 -18.49 -53.95 -14.60
C GLU C 235 -17.23 -53.60 -13.78
N VAL C 236 -16.05 -53.86 -14.34
CA VAL C 236 -14.79 -53.53 -13.63
C VAL C 236 -14.54 -52.01 -13.48
N ILE C 237 -14.80 -51.30 -14.58
CA ILE C 237 -14.78 -49.85 -14.63
C ILE C 237 -15.69 -49.32 -13.54
N GLU C 238 -16.96 -49.72 -13.57
CA GLU C 238 -17.92 -49.25 -12.58
C GLU C 238 -17.55 -49.52 -11.11
N LYS C 239 -16.71 -50.52 -10.88
CA LYS C 239 -16.30 -50.89 -9.55
C LYS C 239 -15.34 -49.82 -9.05
N TRP C 240 -14.41 -49.43 -9.94
CA TRP C 240 -13.37 -48.42 -9.65
C TRP C 240 -13.89 -46.99 -9.57
N LEU C 241 -14.98 -46.71 -10.30
CA LEU C 241 -15.73 -45.46 -10.13
C LEU C 241 -16.22 -45.33 -8.67
N TYR C 242 -16.87 -46.38 -8.17
CA TYR C 242 -17.34 -46.44 -6.80
C TYR C 242 -16.24 -46.30 -5.77
N VAL C 243 -15.07 -46.84 -6.11
CA VAL C 243 -13.87 -46.71 -5.26
C VAL C 243 -13.43 -45.25 -5.18
N ILE C 244 -13.37 -44.59 -6.35
CA ILE C 244 -12.85 -43.23 -6.48
C ILE C 244 -13.71 -42.26 -5.66
N ILE C 245 -15.01 -42.22 -5.96
CA ILE C 245 -15.95 -41.32 -5.28
C ILE C 245 -16.09 -41.62 -3.78
N ALA C 246 -15.84 -42.87 -3.39
CA ALA C 246 -15.80 -43.24 -1.98
C ALA C 246 -14.67 -42.43 -1.32
N MET C 247 -13.46 -42.57 -1.85
CA MET C 247 -12.32 -41.82 -1.34
C MET C 247 -12.46 -40.32 -1.44
N ALA C 248 -13.22 -39.85 -2.43
CA ALA C 248 -13.44 -38.42 -2.66
C ALA C 248 -14.33 -37.78 -1.59
N LEU C 249 -15.33 -38.52 -1.13
CA LEU C 249 -16.23 -38.02 -0.09
C LEU C 249 -15.73 -38.27 1.34
N ILE C 250 -15.11 -39.43 1.57
CA ILE C 250 -14.53 -39.74 2.88
C ILE C 250 -13.56 -38.61 3.31
N SER C 251 -12.63 -38.28 2.41
CA SER C 251 -11.62 -37.26 2.66
C SER C 251 -12.18 -35.86 2.53
N GLY C 252 -13.07 -35.68 1.57
CA GLY C 252 -13.59 -34.35 1.23
C GLY C 252 -14.48 -33.68 2.26
N ILE C 253 -15.41 -34.46 2.85
CA ILE C 253 -16.48 -33.93 3.73
C ILE C 253 -15.95 -33.26 5.02
N ILE C 254 -15.04 -33.92 5.71
CA ILE C 254 -14.36 -33.27 6.83
C ILE C 254 -13.24 -32.34 6.31
N GLY C 255 -12.65 -32.71 5.17
CA GLY C 255 -11.60 -31.94 4.52
C GLY C 255 -12.02 -30.56 4.07
N THR C 256 -13.33 -30.26 4.11
CA THR C 256 -13.81 -28.89 3.93
C THR C 256 -13.07 -28.00 4.92
N GLY C 257 -12.66 -28.62 6.03
CA GLY C 257 -12.05 -27.94 7.16
C GLY C 257 -10.77 -27.22 6.83
N HIS C 258 -10.09 -27.64 5.75
CA HIS C 258 -8.92 -26.90 5.31
C HIS C 258 -9.27 -25.55 4.73
N HIS C 259 -10.52 -25.10 4.93
CA HIS C 259 -10.92 -23.73 4.60
C HIS C 259 -11.44 -22.99 5.84
N TYR C 260 -11.47 -23.68 6.96
CA TYR C 260 -12.03 -23.19 8.21
C TYR C 260 -10.96 -22.91 9.25
N PHE C 261 -9.72 -22.75 8.79
CA PHE C 261 -8.59 -22.47 9.69
C PHE C 261 -8.68 -21.05 10.32
N TRP C 262 -8.73 -20.03 9.46
CA TRP C 262 -8.56 -18.63 9.89
C TRP C 262 -9.76 -17.73 9.54
N ILE C 263 -10.97 -18.30 9.47
CA ILE C 263 -12.15 -17.48 9.18
C ILE C 263 -12.89 -17.10 10.48
N GLY C 264 -12.44 -17.69 11.59
CA GLY C 264 -12.95 -17.35 12.91
C GLY C 264 -13.82 -18.44 13.51
N VAL C 265 -13.48 -19.68 13.21
CA VAL C 265 -14.22 -20.79 13.80
C VAL C 265 -13.23 -21.52 14.70
N PRO C 266 -13.76 -22.22 15.73
CA PRO C 266 -13.07 -23.16 16.61
C PRO C 266 -11.81 -23.83 16.05
N GLY C 267 -10.76 -23.82 16.87
CA GLY C 267 -9.48 -24.40 16.49
C GLY C 267 -9.47 -25.88 16.21
N TYR C 268 -10.49 -26.60 16.66
CA TYR C 268 -10.53 -28.03 16.40
C TYR C 268 -10.53 -28.34 14.88
N TRP C 269 -10.99 -27.37 14.10
CA TRP C 269 -10.93 -27.39 12.65
C TRP C 269 -9.49 -27.46 12.11
N LEU C 270 -8.54 -26.95 12.89
CA LEU C 270 -7.13 -26.97 12.47
C LEU C 270 -6.65 -28.42 12.38
N TRP C 271 -7.10 -29.23 13.33
CA TRP C 271 -6.74 -30.64 13.35
C TRP C 271 -7.50 -31.40 12.29
N LEU C 272 -8.84 -31.34 12.44
CA LEU C 272 -9.77 -32.03 11.55
C LEU C 272 -9.45 -31.75 10.09
N GLY C 273 -9.48 -30.47 9.73
CA GLY C 273 -9.20 -30.02 8.36
C GLY C 273 -7.84 -30.39 7.79
N SER C 274 -6.87 -30.65 8.67
CA SER C 274 -5.50 -30.93 8.24
C SER C 274 -5.29 -32.39 7.99
N VAL C 275 -5.94 -33.22 8.82
CA VAL C 275 -5.78 -34.67 8.74
C VAL C 275 -6.49 -35.24 7.50
N PHE C 276 -7.79 -34.92 7.37
CA PHE C 276 -8.66 -35.44 6.30
C PHE C 276 -8.27 -34.94 4.91
N SER C 277 -7.85 -33.67 4.84
CA SER C 277 -7.37 -33.07 3.60
C SER C 277 -6.11 -33.72 3.10
N ALA C 278 -5.28 -34.19 4.03
CA ALA C 278 -4.04 -34.87 3.70
C ALA C 278 -4.29 -36.13 2.87
N LEU C 279 -5.52 -36.65 2.96
CA LEU C 279 -5.98 -37.86 2.24
C LEU C 279 -6.68 -37.55 0.94
N GLU C 280 -7.05 -36.28 0.77
CA GLU C 280 -7.72 -35.81 -0.45
C GLU C 280 -7.04 -36.12 -1.81
N PRO C 281 -5.68 -36.22 -1.85
CA PRO C 281 -5.03 -36.61 -3.11
C PRO C 281 -5.31 -38.04 -3.60
N LEU C 282 -5.76 -38.91 -2.70
CA LEU C 282 -5.91 -40.33 -3.03
C LEU C 282 -6.79 -40.54 -4.25
N PRO C 283 -8.03 -39.98 -4.27
CA PRO C 283 -8.89 -40.16 -5.44
C PRO C 283 -8.27 -39.74 -6.75
N PHE C 284 -7.54 -38.63 -6.75
CA PHE C 284 -6.89 -38.17 -7.99
C PHE C 284 -5.83 -39.17 -8.46
N PHE C 285 -5.13 -39.78 -7.50
CA PHE C 285 -4.16 -40.83 -7.79
C PHE C 285 -4.83 -42.10 -8.29
N ALA C 286 -5.92 -42.49 -7.64
CA ALA C 286 -6.76 -43.54 -8.15
C ALA C 286 -6.97 -43.24 -9.62
N MET C 287 -7.68 -42.16 -9.93
CA MET C 287 -7.97 -41.79 -11.32
C MET C 287 -6.76 -41.91 -12.24
N VAL C 288 -5.57 -41.59 -11.75
CA VAL C 288 -4.33 -41.81 -12.54
C VAL C 288 -4.17 -43.30 -12.91
N LEU C 289 -4.27 -44.20 -11.93
CA LEU C 289 -4.17 -45.65 -12.19
C LEU C 289 -5.35 -46.20 -12.99
N PHE C 290 -6.56 -45.71 -12.69
CA PHE C 290 -7.81 -46.11 -13.33
C PHE C 290 -7.74 -45.88 -14.83
N ALA C 291 -7.36 -44.67 -15.21
CA ALA C 291 -7.29 -44.28 -16.62
C ALA C 291 -6.17 -45.02 -17.36
N PHE C 292 -4.98 -45.02 -16.77
CA PHE C 292 -3.81 -45.63 -17.38
C PHE C 292 -3.97 -47.14 -17.60
N ASN C 293 -4.37 -47.87 -16.55
CA ASN C 293 -4.45 -49.33 -16.61
C ASN C 293 -5.59 -49.90 -17.45
N THR C 294 -6.67 -49.15 -17.62
CA THR C 294 -7.77 -49.53 -18.52
C THR C 294 -7.53 -49.09 -19.98
N ILE C 295 -6.69 -48.07 -20.20
CA ILE C 295 -6.24 -47.76 -21.55
C ILE C 295 -5.21 -48.82 -21.96
N ASN C 296 -4.26 -49.10 -21.05
CA ASN C 296 -3.28 -50.17 -21.20
C ASN C 296 -3.89 -51.54 -21.62
N ARG C 297 -4.95 -51.94 -20.92
CA ARG C 297 -5.67 -53.18 -21.18
C ARG C 297 -6.70 -53.11 -22.32
N ARG C 298 -6.69 -52.04 -23.11
CA ARG C 298 -7.76 -51.81 -24.07
C ARG C 298 -7.99 -53.01 -24.96
N ARG C 299 -9.20 -53.56 -24.88
CA ARG C 299 -9.61 -54.70 -25.70
C ARG C 299 -9.56 -54.32 -27.17
N ARG C 300 -9.80 -53.03 -27.45
CA ARG C 300 -9.84 -52.47 -28.81
C ARG C 300 -9.00 -51.20 -28.96
N ASP C 301 -8.51 -50.93 -30.17
CA ASP C 301 -8.01 -49.59 -30.48
C ASP C 301 -9.18 -48.66 -30.71
N TYR C 302 -8.91 -47.38 -30.90
CA TYR C 302 -9.97 -46.45 -31.23
C TYR C 302 -9.48 -45.46 -32.32
N PRO C 303 -10.30 -45.19 -33.37
CA PRO C 303 -9.98 -44.21 -34.43
C PRO C 303 -9.67 -42.78 -33.95
N ASN C 304 -10.25 -42.38 -32.82
CA ASN C 304 -9.88 -41.13 -32.18
C ASN C 304 -8.79 -41.37 -31.12
N ARG C 305 -7.53 -41.09 -31.47
CA ARG C 305 -6.41 -41.25 -30.53
C ARG C 305 -6.10 -39.95 -29.78
N ALA C 306 -6.93 -38.94 -30.01
CA ALA C 306 -6.91 -37.72 -29.22
C ALA C 306 -7.62 -37.91 -27.87
N VAL C 307 -8.85 -38.44 -27.86
CA VAL C 307 -9.59 -38.71 -26.58
C VAL C 307 -8.75 -39.52 -25.61
N ALA C 308 -7.98 -40.47 -26.14
CA ALA C 308 -7.13 -41.29 -25.30
C ALA C 308 -6.15 -40.40 -24.54
N LEU C 309 -5.58 -39.41 -25.23
CA LEU C 309 -4.65 -38.45 -24.61
C LEU C 309 -5.38 -37.55 -23.63
N TRP C 310 -6.55 -37.04 -24.04
CA TRP C 310 -7.41 -36.18 -23.21
C TRP C 310 -7.80 -36.80 -21.87
N ALA C 311 -8.10 -38.08 -21.89
CA ALA C 311 -8.41 -38.78 -20.67
C ALA C 311 -7.16 -38.97 -19.80
N MET C 312 -6.02 -39.26 -20.42
CA MET C 312 -4.84 -39.52 -19.64
C MET C 312 -4.30 -38.23 -19.05
N GLY C 313 -4.29 -37.18 -19.87
CA GLY C 313 -3.86 -35.83 -19.45
C GLY C 313 -4.62 -35.39 -18.22
N THR C 314 -5.95 -35.45 -18.31
CA THR C 314 -6.87 -34.97 -17.28
C THR C 314 -6.57 -35.59 -15.92
N THR C 315 -6.28 -36.88 -15.89
CA THR C 315 -6.04 -37.56 -14.61
C THR C 315 -4.70 -37.13 -14.01
N VAL C 316 -3.69 -36.97 -14.86
CA VAL C 316 -2.34 -36.58 -14.43
C VAL C 316 -2.30 -35.14 -13.92
N MET C 317 -2.86 -34.25 -14.73
CA MET C 317 -2.97 -32.82 -14.43
C MET C 317 -3.77 -32.56 -13.17
N ALA C 318 -4.95 -33.16 -13.06
CA ALA C 318 -5.78 -33.07 -11.85
C ALA C 318 -5.08 -33.57 -10.58
N PHE C 319 -4.26 -34.62 -10.69
CA PHE C 319 -3.50 -35.06 -9.52
C PHE C 319 -2.41 -34.05 -9.12
N LEU C 320 -1.67 -33.55 -10.11
CA LEU C 320 -0.62 -32.61 -9.81
C LEU C 320 -1.22 -31.34 -9.24
N GLY C 321 -2.21 -30.79 -9.93
CA GLY C 321 -2.85 -29.52 -9.55
C GLY C 321 -3.68 -29.59 -8.29
N ALA C 322 -4.52 -30.61 -8.18
CA ALA C 322 -5.42 -30.73 -7.04
C ALA C 322 -4.80 -31.51 -5.90
N GLY C 323 -4.00 -32.51 -6.26
CA GLY C 323 -3.46 -33.45 -5.30
C GLY C 323 -2.15 -33.00 -4.70
N VAL C 324 -1.16 -32.70 -5.54
CA VAL C 324 0.19 -32.31 -5.06
C VAL C 324 0.26 -30.84 -4.58
N TRP C 325 -0.19 -29.93 -5.43
CA TRP C 325 -0.28 -28.53 -5.03
C TRP C 325 -1.31 -28.29 -3.93
N GLY C 326 -2.42 -29.01 -3.95
CA GLY C 326 -3.33 -29.03 -2.81
C GLY C 326 -2.65 -29.55 -1.54
N PHE C 327 -1.79 -30.57 -1.68
CA PHE C 327 -1.17 -31.15 -0.51
C PHE C 327 -0.20 -30.18 0.17
N MET C 328 0.71 -29.60 -0.63
CA MET C 328 1.74 -28.68 -0.14
C MET C 328 1.20 -27.59 0.82
N HIS C 329 -0.01 -27.11 0.58
CA HIS C 329 -0.54 -26.04 1.42
C HIS C 329 -1.80 -26.38 2.28
N THR C 330 -2.12 -27.66 2.45
CA THR C 330 -3.36 -28.07 3.15
C THR C 330 -3.19 -28.23 4.67
N LEU C 331 -1.94 -28.38 5.11
CA LEU C 331 -1.59 -28.57 6.53
C LEU C 331 -1.52 -27.27 7.33
N ALA C 332 -2.46 -27.11 8.28
CA ALA C 332 -2.67 -25.84 9.02
C ALA C 332 -1.43 -24.99 9.38
N PRO C 333 -0.41 -25.58 10.06
CA PRO C 333 0.79 -24.78 10.30
C PRO C 333 1.41 -24.17 9.03
N VAL C 334 1.41 -24.89 7.91
CA VAL C 334 1.89 -24.33 6.63
C VAL C 334 0.89 -23.33 6.00
N ASN C 335 -0.38 -23.72 5.93
CA ASN C 335 -1.44 -22.82 5.51
C ASN C 335 -1.37 -21.42 6.15
N TYR C 336 -1.11 -21.35 7.46
CA TYR C 336 -1.04 -20.10 8.23
C TYR C 336 -0.14 -19.07 7.58
N TYR C 337 0.90 -19.55 6.90
CA TYR C 337 1.82 -18.67 6.19
C TYR C 337 1.48 -18.45 4.74
N THR C 338 0.77 -19.38 4.12
CA THR C 338 0.48 -19.31 2.67
C THR C 338 -0.97 -18.85 2.35
N HIS C 339 -1.80 -18.78 3.38
CA HIS C 339 -3.20 -18.44 3.24
C HIS C 339 -3.37 -17.09 2.52
N GLY C 340 -4.05 -17.12 1.38
CA GLY C 340 -4.39 -15.90 0.65
C GLY C 340 -3.15 -15.32 0.03
N THR C 341 -2.48 -16.14 -0.76
CA THR C 341 -1.15 -15.87 -1.26
C THR C 341 -1.10 -16.22 -2.73
N GLN C 342 -0.08 -15.78 -3.46
CA GLN C 342 0.06 -16.17 -4.85
C GLN C 342 0.08 -17.71 -5.06
N LEU C 343 0.31 -18.45 -3.97
CA LEU C 343 0.26 -19.91 -4.00
C LEU C 343 -1.17 -20.44 -4.17
N THR C 344 -2.11 -19.84 -3.47
CA THR C 344 -3.54 -20.10 -3.69
C THR C 344 -3.89 -19.99 -5.18
N ALA C 345 -3.68 -18.81 -5.77
CA ALA C 345 -3.83 -18.65 -7.24
C ALA C 345 -3.07 -19.66 -8.17
N ALA C 346 -1.90 -20.12 -7.75
CA ALA C 346 -1.23 -21.21 -8.44
C ALA C 346 -2.04 -22.55 -8.36
N HIS C 347 -2.42 -22.94 -7.15
CA HIS C 347 -3.15 -24.19 -6.96
C HIS C 347 -4.52 -24.14 -7.63
N GLY C 348 -5.22 -23.03 -7.44
CA GLY C 348 -6.53 -22.87 -8.02
C GLY C 348 -6.46 -23.10 -9.52
N HIS C 349 -5.49 -22.48 -10.17
CA HIS C 349 -5.36 -22.57 -11.64
C HIS C 349 -5.13 -24.02 -12.19
N MET C 350 -4.18 -24.78 -11.62
CA MET C 350 -3.88 -26.09 -12.20
C MET C 350 -4.99 -27.06 -11.85
N ALA C 351 -5.48 -26.99 -10.61
CA ALA C 351 -6.60 -27.83 -10.18
C ALA C 351 -7.89 -27.71 -11.05
N PHE C 352 -8.37 -26.49 -11.24
CA PHE C 352 -9.51 -26.21 -12.13
C PHE C 352 -9.24 -26.66 -13.59
N TYR C 353 -8.02 -26.45 -14.09
CA TYR C 353 -7.67 -26.84 -15.47
C TYR C 353 -7.53 -28.33 -15.57
N GLY C 354 -6.60 -28.87 -14.78
CA GLY C 354 -6.35 -30.30 -14.64
C GLY C 354 -7.61 -31.16 -14.56
N ALA C 355 -8.41 -30.93 -13.52
CA ALA C 355 -9.63 -31.70 -13.36
C ALA C 355 -10.65 -31.33 -14.43
N TYR C 356 -11.12 -30.08 -14.39
CA TYR C 356 -12.39 -29.77 -15.01
C TYR C 356 -12.35 -29.23 -16.43
N ALA C 357 -11.44 -28.30 -16.77
CA ALA C 357 -11.37 -27.87 -18.19
C ALA C 357 -11.12 -29.06 -19.12
N MET C 358 -10.28 -29.97 -18.65
CA MET C 358 -9.82 -31.08 -19.46
C MET C 358 -10.92 -32.11 -19.63
N ILE C 359 -11.62 -32.45 -18.54
CA ILE C 359 -12.71 -33.43 -18.60
C ILE C 359 -13.90 -32.95 -19.43
N VAL C 360 -14.03 -31.63 -19.63
CA VAL C 360 -15.04 -31.10 -20.55
C VAL C 360 -14.55 -31.29 -21.98
N MET C 361 -13.30 -30.92 -22.23
CA MET C 361 -12.70 -31.14 -23.55
C MET C 361 -12.65 -32.62 -23.93
N THR C 362 -12.34 -33.45 -22.93
CA THR C 362 -12.21 -34.89 -23.09
C THR C 362 -13.46 -35.49 -23.71
N ILE C 363 -14.60 -35.12 -23.16
CA ILE C 363 -15.85 -35.69 -23.60
C ILE C 363 -16.30 -35.04 -24.89
N ILE C 364 -15.86 -33.80 -25.14
CA ILE C 364 -16.02 -33.17 -26.47
C ILE C 364 -15.16 -33.85 -27.56
N SER C 365 -13.86 -34.05 -27.27
CA SER C 365 -12.96 -34.89 -28.09
C SER C 365 -13.67 -36.16 -28.60
N TYR C 366 -14.30 -36.90 -27.68
CA TYR C 366 -15.10 -38.11 -28.01
C TYR C 366 -16.32 -37.86 -28.93
N ALA C 367 -17.23 -37.02 -28.44
CA ALA C 367 -18.58 -36.93 -28.97
C ALA C 367 -18.83 -35.93 -30.11
N MET C 368 -17.94 -34.95 -30.33
CA MET C 368 -18.11 -34.00 -31.47
C MET C 368 -18.16 -34.58 -32.90
N PRO C 369 -17.21 -35.50 -33.26
CA PRO C 369 -17.30 -36.26 -34.51
C PRO C 369 -18.64 -36.94 -34.68
N ARG C 370 -19.06 -37.66 -33.67
CA ARG C 370 -20.33 -38.36 -33.77
C ARG C 370 -21.56 -37.47 -33.68
N LEU C 371 -21.38 -36.22 -33.28
CA LEU C 371 -22.51 -35.31 -33.18
C LEU C 371 -22.66 -34.54 -34.48
N ARG C 372 -21.56 -34.41 -35.21
CA ARG C 372 -21.53 -33.73 -36.48
C ARG C 372 -21.52 -34.79 -37.56
N GLY C 373 -22.23 -35.88 -37.30
CA GLY C 373 -22.27 -37.02 -38.21
C GLY C 373 -21.04 -37.11 -39.09
N ILE C 374 -19.84 -37.10 -38.48
CA ILE C 374 -18.55 -37.36 -39.16
C ILE C 374 -18.07 -38.78 -38.88
N GLY C 375 -18.59 -39.39 -37.81
CA GLY C 375 -18.16 -40.73 -37.41
C GLY C 375 -17.41 -40.70 -36.10
N GLU C 376 -16.49 -41.64 -35.93
CA GLU C 376 -15.83 -41.89 -34.64
C GLU C 376 -14.67 -40.93 -34.29
N ALA C 377 -14.02 -40.40 -35.32
CA ALA C 377 -12.93 -39.44 -35.17
C ALA C 377 -12.86 -38.55 -36.41
N MET C 378 -12.02 -37.52 -36.36
CA MET C 378 -11.77 -36.66 -37.53
C MET C 378 -10.63 -37.24 -38.36
N ASP C 379 -10.40 -36.69 -39.54
CA ASP C 379 -9.28 -37.10 -40.39
C ASP C 379 -7.97 -36.84 -39.63
N ASN C 380 -6.85 -37.32 -40.20
CA ASN C 380 -5.59 -37.33 -39.47
C ASN C 380 -4.91 -35.97 -39.28
N ARG C 381 -5.09 -35.03 -40.22
CA ARG C 381 -4.55 -33.67 -40.02
C ARG C 381 -5.24 -33.00 -38.82
N SER C 382 -6.57 -33.06 -38.81
CA SER C 382 -7.38 -32.55 -37.69
C SER C 382 -6.89 -33.04 -36.31
N GLN C 383 -6.64 -34.35 -36.20
CA GLN C 383 -6.23 -35.00 -34.95
C GLN C 383 -4.86 -34.60 -34.41
N VAL C 384 -3.95 -34.15 -35.29
CA VAL C 384 -2.62 -33.72 -34.82
C VAL C 384 -2.71 -32.31 -34.20
N LEU C 385 -3.64 -31.49 -34.70
CA LEU C 385 -3.89 -30.17 -34.15
C LEU C 385 -4.49 -30.21 -32.74
N GLU C 386 -5.47 -31.09 -32.55
CA GLU C 386 -6.09 -31.31 -31.24
C GLU C 386 -5.08 -31.82 -30.20
N MET C 387 -3.99 -32.43 -30.66
CA MET C 387 -2.95 -32.93 -29.75
C MET C 387 -1.90 -31.86 -29.50
N TRP C 388 -1.83 -30.91 -30.43
CA TRP C 388 -0.95 -29.72 -30.34
C TRP C 388 -1.54 -28.64 -29.43
N GLY C 389 -2.82 -28.34 -29.66
CA GLY C 389 -3.68 -27.57 -28.76
C GLY C 389 -3.77 -28.13 -27.35
N PHE C 390 -3.74 -29.47 -27.23
CA PHE C 390 -3.58 -30.12 -25.94
C PHE C 390 -2.20 -29.86 -25.30
N TRP C 391 -1.13 -29.89 -26.09
CA TRP C 391 0.19 -29.84 -25.50
C TRP C 391 0.55 -28.45 -25.15
N LEU C 392 0.12 -27.52 -25.98
CA LEU C 392 0.35 -26.12 -25.69
C LEU C 392 -0.38 -25.63 -24.41
N MET C 393 -1.69 -25.87 -24.33
CA MET C 393 -2.45 -25.53 -23.16
C MET C 393 -1.91 -26.20 -21.90
N THR C 394 -1.76 -27.51 -21.94
CA THR C 394 -1.30 -28.26 -20.77
C THR C 394 0.07 -27.80 -20.28
N VAL C 395 1.04 -27.67 -21.18
CA VAL C 395 2.40 -27.25 -20.78
C VAL C 395 2.45 -25.76 -20.42
N ALA C 396 1.62 -24.94 -21.10
CA ALA C 396 1.47 -23.51 -20.78
C ALA C 396 0.91 -23.27 -19.36
N MET C 397 -0.02 -24.12 -18.93
CA MET C 397 -0.63 -24.05 -17.61
C MET C 397 0.32 -24.54 -16.52
N VAL C 398 1.25 -25.43 -16.87
CA VAL C 398 2.31 -25.87 -15.95
C VAL C 398 3.28 -24.72 -15.68
N PHE C 399 3.56 -23.94 -16.71
CA PHE C 399 4.45 -22.81 -16.55
C PHE C 399 3.79 -21.68 -15.76
N ILE C 400 2.54 -21.38 -16.10
CA ILE C 400 1.69 -20.44 -15.34
C ILE C 400 1.66 -20.78 -13.86
N THR C 401 1.51 -22.06 -13.52
CA THR C 401 1.46 -22.45 -12.12
C THR C 401 2.85 -22.49 -11.45
N LEU C 402 3.90 -22.74 -12.24
CA LEU C 402 5.26 -22.65 -11.69
C LEU C 402 5.67 -21.19 -11.42
N PHE C 403 5.41 -20.31 -12.37
CA PHE C 403 5.64 -18.88 -12.15
C PHE C 403 4.93 -18.34 -10.91
N LEU C 404 3.66 -18.68 -10.73
CA LEU C 404 2.88 -18.26 -9.54
C LEU C 404 3.29 -18.93 -8.23
N SER C 405 3.94 -20.09 -8.31
CA SER C 405 4.48 -20.72 -7.12
C SER C 405 5.75 -19.99 -6.64
N ALA C 406 6.66 -19.72 -7.58
CA ALA C 406 7.83 -18.91 -7.30
C ALA C 406 7.40 -17.65 -6.51
N ALA C 407 6.50 -16.88 -7.14
CA ALA C 407 5.91 -15.67 -6.57
C ALA C 407 5.39 -15.89 -5.15
N GLY C 408 4.51 -16.88 -4.99
CA GLY C 408 3.99 -17.21 -3.67
C GLY C 408 5.04 -17.54 -2.62
N VAL C 409 6.07 -18.31 -3.01
CA VAL C 409 7.20 -18.60 -2.08
C VAL C 409 7.81 -17.31 -1.61
N LEU C 410 8.30 -16.51 -2.55
CA LEU C 410 8.81 -15.18 -2.23
C LEU C 410 7.87 -14.28 -1.40
N GLN C 411 6.60 -14.23 -1.81
CA GLN C 411 5.61 -13.47 -1.07
C GLN C 411 5.53 -13.94 0.37
N VAL C 412 5.42 -15.25 0.58
CA VAL C 412 5.46 -15.79 1.92
C VAL C 412 6.74 -15.36 2.61
N TRP C 413 7.90 -15.39 1.90
CA TRP C 413 9.24 -15.03 2.47
C TRP C 413 9.42 -13.58 2.90
N LEU C 414 9.09 -12.66 2.00
CA LEU C 414 9.24 -11.23 2.22
C LEU C 414 8.15 -10.62 3.11
N GLN C 415 6.91 -11.13 2.95
CA GLN C 415 5.73 -10.55 3.60
C GLN C 415 5.37 -11.19 4.97
N ARG C 416 5.27 -12.52 4.97
CA ARG C 416 4.59 -13.27 6.05
C ARG C 416 5.51 -13.76 7.20
N MET C 417 6.72 -14.19 6.81
CA MET C 417 7.68 -14.79 7.73
C MET C 417 8.26 -13.80 8.74
N PRO C 418 8.95 -12.73 8.28
CA PRO C 418 9.60 -11.72 9.18
C PRO C 418 8.66 -11.06 10.20
N ALA C 419 9.22 -10.50 11.26
CA ALA C 419 8.38 -9.91 12.29
C ALA C 419 8.07 -8.46 11.92
N ASP C 420 7.18 -7.84 12.70
CA ASP C 420 6.74 -6.46 12.47
C ASP C 420 7.88 -5.46 12.30
N GLY C 421 7.90 -4.77 11.15
CA GLY C 421 8.90 -3.73 10.87
C GLY C 421 9.97 -4.23 9.92
N ALA C 422 10.19 -5.56 9.97
CA ALA C 422 11.12 -6.27 9.11
C ALA C 422 10.39 -6.75 7.87
N ALA C 423 9.19 -7.30 8.08
CA ALA C 423 8.30 -7.77 7.01
C ALA C 423 7.91 -6.62 6.13
N MET C 424 8.16 -6.85 4.83
CA MET C 424 7.78 -5.96 3.76
C MET C 424 6.25 -5.84 3.68
N THR C 425 5.75 -4.69 3.25
CA THR C 425 4.29 -4.42 3.15
C THR C 425 3.74 -5.12 1.91
N PHE C 426 2.42 -5.23 1.83
CA PHE C 426 1.81 -5.90 0.68
C PHE C 426 2.29 -5.32 -0.66
N MET C 427 2.04 -4.03 -0.85
CA MET C 427 2.37 -3.38 -2.09
C MET C 427 3.85 -3.52 -2.40
N ALA C 428 4.68 -3.47 -1.36
CA ALA C 428 6.15 -3.48 -1.48
C ALA C 428 6.63 -4.77 -2.11
N THR C 429 6.26 -5.86 -1.44
CA THR C 429 6.46 -7.24 -1.92
C THR C 429 6.02 -7.38 -3.36
N GLN C 430 4.81 -6.93 -3.66
CA GLN C 430 4.24 -7.10 -4.99
C GLN C 430 5.19 -6.57 -6.06
N ASP C 431 5.95 -5.55 -5.70
CA ASP C 431 6.98 -5.05 -6.59
C ASP C 431 8.11 -6.06 -6.87
N GLN C 432 8.55 -6.78 -5.84
CA GLN C 432 9.60 -7.79 -6.00
C GLN C 432 9.17 -8.92 -6.93
N LEU C 433 7.90 -9.31 -6.90
CA LEU C 433 7.39 -10.44 -7.68
C LEU C 433 7.21 -10.15 -9.17
N ALA C 434 7.55 -8.93 -9.58
CA ALA C 434 7.27 -8.46 -10.94
C ALA C 434 7.69 -9.42 -12.06
N ILE C 435 8.91 -9.93 -12.00
CA ILE C 435 9.39 -10.80 -13.09
C ILE C 435 8.47 -12.01 -13.27
N PHE C 436 8.08 -12.61 -12.15
CA PHE C 436 7.25 -13.80 -12.12
C PHE C 436 5.88 -13.53 -12.70
N TYR C 437 5.33 -12.35 -12.44
CA TYR C 437 4.08 -11.99 -13.12
C TYR C 437 4.28 -11.75 -14.63
N TRP C 438 5.43 -11.23 -15.03
CA TRP C 438 5.69 -11.01 -16.44
C TRP C 438 5.75 -12.34 -17.13
N LEU C 439 6.56 -13.21 -16.54
CA LEU C 439 6.65 -14.58 -16.98
C LEU C 439 5.32 -15.32 -17.05
N ARG C 440 4.46 -15.19 -16.04
CA ARG C 440 3.10 -15.78 -16.12
C ARG C 440 2.34 -15.27 -17.34
N GLU C 441 2.36 -13.96 -17.54
CA GLU C 441 1.58 -13.33 -18.58
C GLU C 441 2.00 -13.82 -19.95
N GLY C 442 3.29 -14.15 -20.07
CA GLY C 442 3.86 -14.78 -21.27
C GLY C 442 3.31 -16.18 -21.50
N ALA C 443 3.34 -16.99 -20.44
CA ALA C 443 2.80 -18.33 -20.41
C ALA C 443 1.29 -18.30 -20.64
N GLY C 444 0.71 -17.13 -20.41
CA GLY C 444 -0.72 -16.91 -20.67
C GLY C 444 -0.94 -16.79 -22.17
N VAL C 445 -0.01 -16.12 -22.85
CA VAL C 445 -0.12 -16.00 -24.31
C VAL C 445 0.01 -17.39 -24.98
N VAL C 446 0.99 -18.19 -24.52
CA VAL C 446 1.24 -19.55 -25.03
C VAL C 446 -0.03 -20.38 -24.93
N PHE C 447 -0.74 -20.22 -23.81
CA PHE C 447 -2.02 -20.87 -23.55
C PHE C 447 -3.18 -20.48 -24.51
N LEU C 448 -3.31 -19.18 -24.83
CA LEU C 448 -4.31 -18.70 -25.81
C LEU C 448 -3.97 -19.29 -27.16
N ILE C 449 -2.67 -19.25 -27.44
CA ILE C 449 -2.10 -19.83 -28.64
C ILE C 449 -2.58 -21.29 -28.77
N GLY C 450 -2.28 -22.10 -27.74
CA GLY C 450 -2.81 -23.46 -27.60
C GLY C 450 -4.31 -23.62 -27.79
N LEU C 451 -5.11 -22.69 -27.25
CA LEU C 451 -6.58 -22.78 -27.38
C LEU C 451 -7.02 -22.56 -28.80
N VAL C 452 -6.41 -21.58 -29.47
CA VAL C 452 -6.69 -21.31 -30.89
C VAL C 452 -6.37 -22.54 -31.75
N ALA C 453 -5.17 -23.09 -31.53
CA ALA C 453 -4.77 -24.38 -32.10
C ALA C 453 -5.87 -25.41 -31.86
N TYR C 454 -6.18 -25.71 -30.60
CA TYR C 454 -7.23 -26.67 -30.27
C TYR C 454 -8.54 -26.42 -31.03
N LEU C 455 -8.92 -25.15 -31.20
CA LEU C 455 -10.19 -24.80 -31.84
C LEU C 455 -10.16 -25.00 -33.33
N LEU C 456 -8.96 -24.98 -33.89
CA LEU C 456 -8.79 -25.16 -35.32
C LEU C 456 -8.88 -26.64 -35.76
N SER C 457 -9.19 -27.54 -34.82
CA SER C 457 -9.42 -28.95 -35.12
C SER C 457 -10.72 -29.15 -35.84
N PHE C 458 -11.71 -28.31 -35.52
CA PHE C 458 -13.13 -28.56 -35.87
C PHE C 458 -13.59 -28.00 -37.24
N PHE D 5 -12.03 -58.47 -4.01
CA PHE D 5 -12.65 -57.11 -3.96
C PHE D 5 -13.77 -56.97 -5.02
N THR D 6 -14.95 -56.52 -4.60
CA THR D 6 -16.14 -56.48 -5.49
C THR D 6 -16.81 -55.09 -5.59
N LYS D 7 -17.55 -54.88 -6.68
CA LYS D 7 -18.30 -53.64 -6.91
C LYS D 7 -19.32 -53.38 -5.80
N GLY D 8 -19.98 -54.43 -5.34
CA GLY D 8 -20.94 -54.35 -4.26
C GLY D 8 -20.40 -53.78 -2.96
N MET D 9 -19.12 -54.06 -2.64
CA MET D 9 -18.41 -53.55 -1.41
C MET D 9 -18.09 -52.05 -1.50
N ALA D 10 -17.49 -51.70 -2.63
CA ALA D 10 -17.15 -50.34 -2.99
C ALA D 10 -18.33 -49.38 -2.84
N ARG D 11 -19.47 -49.76 -3.42
CA ARG D 11 -20.72 -49.01 -3.30
C ARG D 11 -21.20 -48.96 -1.84
N ASN D 12 -20.91 -50.02 -1.08
CA ASN D 12 -21.23 -50.00 0.33
C ASN D 12 -20.33 -49.05 1.09
N ILE D 13 -19.02 -49.19 0.91
CA ILE D 13 -18.06 -48.26 1.48
C ILE D 13 -18.47 -46.79 1.14
N TYR D 14 -18.85 -46.57 -0.13
CA TYR D 14 -19.32 -45.26 -0.60
C TYR D 14 -20.58 -44.78 0.13
N PHE D 15 -21.71 -45.51 0.02
CA PHE D 15 -22.94 -45.17 0.75
C PHE D 15 -22.64 -44.89 2.23
N GLY D 16 -22.04 -45.87 2.92
CA GLY D 16 -21.80 -45.81 4.37
C GLY D 16 -20.85 -44.72 4.82
N GLY D 17 -19.70 -44.64 4.16
CA GLY D 17 -18.78 -43.54 4.39
C GLY D 17 -19.49 -42.20 4.24
N SER D 18 -20.23 -42.07 3.14
CA SER D 18 -20.85 -40.80 2.83
C SER D 18 -21.80 -40.39 3.95
N VAL D 19 -22.82 -41.21 4.17
CA VAL D 19 -23.84 -40.98 5.22
C VAL D 19 -23.30 -40.65 6.63
N PHE D 20 -22.21 -41.33 7.04
CA PHE D 20 -21.62 -41.09 8.37
C PHE D 20 -20.86 -39.79 8.49
N PHE D 21 -20.02 -39.51 7.49
CA PHE D 21 -19.27 -38.26 7.48
C PHE D 21 -20.15 -37.02 7.29
N ILE D 22 -21.26 -37.14 6.54
CA ILE D 22 -22.28 -36.06 6.46
C ILE D 22 -22.82 -35.73 7.88
N LEU D 23 -23.19 -36.76 8.64
CA LEU D 23 -23.79 -36.54 9.96
C LEU D 23 -22.78 -35.93 10.92
N LEU D 24 -21.54 -36.41 10.87
CA LEU D 24 -20.44 -35.91 11.69
C LEU D 24 -20.09 -34.46 11.35
N PHE D 25 -20.05 -34.15 10.06
CA PHE D 25 -19.85 -32.79 9.57
C PHE D 25 -20.99 -31.93 10.12
N LEU D 26 -22.22 -32.36 9.93
CA LEU D 26 -23.38 -31.66 10.45
C LEU D 26 -23.36 -31.51 11.98
N ALA D 27 -22.79 -32.50 12.68
CA ALA D 27 -22.56 -32.40 14.12
C ALA D 27 -21.70 -31.16 14.39
N LEU D 28 -20.49 -31.16 13.85
CA LEU D 28 -19.54 -30.06 14.03
C LEU D 28 -20.07 -28.73 13.53
N THR D 29 -20.81 -28.74 12.43
CA THR D 29 -21.41 -27.52 11.88
C THR D 29 -22.32 -26.86 12.90
N TYR D 30 -23.14 -27.67 13.55
CA TYR D 30 -24.03 -27.18 14.60
C TYR D 30 -23.25 -26.68 15.83
N HIS D 31 -22.24 -27.44 16.28
CA HIS D 31 -21.36 -27.01 17.37
C HIS D 31 -20.76 -25.64 17.05
N THR D 32 -19.90 -25.61 16.05
CA THR D 32 -19.31 -24.38 15.50
C THR D 32 -20.30 -23.19 15.58
N GLU D 33 -21.53 -23.41 15.08
CA GLU D 33 -22.48 -22.31 14.90
C GLU D 33 -22.90 -21.70 16.21
N LYS D 34 -22.87 -22.49 17.27
CA LYS D 34 -23.21 -21.95 18.58
C LYS D 34 -22.08 -21.06 19.13
N THR D 35 -20.82 -21.35 18.77
CA THR D 35 -19.64 -20.58 19.27
C THR D 35 -19.47 -19.19 18.64
N LEU D 36 -20.13 -18.95 17.51
CA LEU D 36 -19.92 -17.73 16.73
C LEU D 36 -20.32 -16.41 17.41
N PRO D 37 -21.51 -16.32 18.07
CA PRO D 37 -21.85 -15.12 18.85
C PRO D 37 -20.72 -14.54 19.72
N GLU D 38 -20.00 -15.40 20.44
CA GLU D 38 -18.85 -14.99 21.27
C GLU D 38 -17.55 -14.76 20.45
N ARG D 39 -17.22 -15.71 19.57
CA ARG D 39 -16.01 -15.70 18.77
C ARG D 39 -15.91 -14.48 17.85
N THR D 40 -17.02 -14.17 17.19
CA THR D 40 -17.10 -13.02 16.31
C THR D 40 -17.45 -11.69 17.02
N ASN D 41 -17.94 -11.77 18.26
CA ASN D 41 -18.43 -10.60 19.04
C ASN D 41 -19.73 -9.98 18.52
N GLU D 42 -20.63 -10.82 17.99
CA GLU D 42 -21.96 -10.40 17.47
C GLU D 42 -22.66 -9.39 18.38
N ALA D 43 -22.30 -9.44 19.66
CA ALA D 43 -22.67 -8.44 20.63
C ALA D 43 -22.49 -7.04 20.03
N ALA D 44 -21.35 -6.81 19.38
CA ALA D 44 -20.95 -5.51 18.79
C ALA D 44 -21.56 -5.24 17.41
N MET D 45 -22.16 -6.28 16.82
CA MET D 45 -22.52 -6.27 15.39
C MET D 45 -23.73 -5.43 15.13
N SER D 46 -23.50 -4.12 15.07
CA SER D 46 -24.55 -3.14 14.91
C SER D 46 -25.07 -3.10 13.49
N ALA D 47 -26.17 -2.36 13.30
CA ALA D 47 -26.75 -2.11 12.00
C ALA D 47 -25.72 -1.43 11.06
N ALA D 48 -24.83 -0.62 11.65
CA ALA D 48 -23.72 0.03 10.94
C ALA D 48 -22.73 -0.97 10.34
N VAL D 49 -22.27 -1.96 11.10
CA VAL D 49 -21.36 -2.98 10.54
C VAL D 49 -22.06 -3.82 9.45
N VAL D 50 -23.35 -4.08 9.67
CA VAL D 50 -24.13 -4.78 8.69
C VAL D 50 -24.31 -3.96 7.39
N ARG D 51 -24.66 -2.68 7.49
CA ARG D 51 -24.73 -1.82 6.31
C ARG D 51 -23.35 -1.68 5.63
N GLY D 52 -22.30 -1.78 6.45
CA GLY D 52 -20.94 -1.77 5.94
C GLY D 52 -20.69 -2.98 5.08
N LYS D 53 -21.03 -4.16 5.61
CA LYS D 53 -20.95 -5.37 4.84
C LYS D 53 -21.65 -5.17 3.51
N LEU D 54 -22.82 -4.53 3.54
CA LEU D 54 -23.57 -4.22 2.30
C LEU D 54 -22.81 -3.42 1.25
N VAL D 55 -22.12 -2.37 1.71
CA VAL D 55 -21.26 -1.52 0.88
C VAL D 55 -20.09 -2.35 0.35
N TRP D 56 -19.44 -3.10 1.26
CA TRP D 56 -18.34 -3.99 0.93
C TRP D 56 -18.69 -4.94 -0.19
N GLU D 57 -19.95 -5.37 -0.15
CA GLU D 57 -20.47 -6.30 -1.13
C GLU D 57 -20.82 -5.59 -2.42
N GLN D 58 -21.65 -4.55 -2.32
CA GLN D 58 -22.16 -3.87 -3.51
C GLN D 58 -21.07 -3.30 -4.40
N ASN D 59 -19.87 -3.13 -3.85
CA ASN D 59 -18.78 -2.52 -4.61
C ASN D 59 -17.70 -3.48 -5.02
N ASN D 60 -17.71 -4.64 -4.34
CA ASN D 60 -16.92 -5.80 -4.69
C ASN D 60 -15.45 -5.58 -4.31
N CYS D 61 -15.23 -5.02 -3.12
CA CYS D 61 -13.89 -4.80 -2.58
C CYS D 61 -13.05 -6.10 -2.64
N VAL D 62 -13.71 -7.20 -2.28
CA VAL D 62 -13.14 -8.54 -2.26
C VAL D 62 -12.68 -9.07 -3.65
N GLY D 63 -13.03 -8.35 -4.71
CA GLY D 63 -12.55 -8.67 -6.06
C GLY D 63 -11.20 -8.06 -6.37
N CYS D 64 -10.55 -7.55 -5.32
CA CYS D 64 -9.21 -6.97 -5.39
C CYS D 64 -8.49 -7.24 -4.08
N HIS D 65 -9.23 -7.19 -2.98
CA HIS D 65 -8.66 -7.34 -1.63
C HIS D 65 -8.94 -8.73 -1.13
N THR D 66 -8.16 -9.16 -0.12
CA THR D 66 -8.52 -10.29 0.77
C THR D 66 -9.15 -9.75 2.05
N LEU D 67 -9.96 -10.58 2.69
CA LEU D 67 -10.63 -10.26 3.95
C LEU D 67 -10.53 -11.53 4.82
N LEU D 68 -9.77 -11.43 5.91
CA LEU D 68 -9.32 -12.59 6.70
C LEU D 68 -8.66 -13.61 5.79
N GLY D 69 -8.14 -13.11 4.67
CA GLY D 69 -7.30 -13.89 3.78
C GLY D 69 -7.97 -14.60 2.64
N GLU D 70 -9.28 -14.35 2.46
CA GLU D 70 -10.07 -14.89 1.35
C GLU D 70 -10.45 -13.77 0.40
N GLY D 71 -10.33 -14.02 -0.91
CA GLY D 71 -10.73 -13.04 -1.91
C GLY D 71 -9.73 -12.97 -3.04
N ALA D 72 -9.56 -11.77 -3.59
CA ALA D 72 -8.60 -11.49 -4.66
C ALA D 72 -7.26 -11.09 -4.08
N TYR D 73 -6.20 -11.11 -4.89
CA TYR D 73 -4.84 -10.96 -4.36
C TYR D 73 -4.12 -9.70 -4.87
N PHE D 74 -4.86 -8.92 -5.64
CA PHE D 74 -4.38 -7.69 -6.26
C PHE D 74 -3.96 -6.63 -5.27
N ALA D 75 -4.67 -6.51 -4.16
CA ALA D 75 -4.51 -5.40 -3.21
C ALA D 75 -4.47 -5.98 -1.79
N PRO D 76 -4.14 -5.13 -0.79
CA PRO D 76 -3.90 -5.61 0.58
C PRO D 76 -5.05 -6.29 1.35
N GLU D 77 -4.66 -7.18 2.26
CA GLU D 77 -5.54 -7.76 3.27
C GLU D 77 -6.12 -6.65 4.12
N LEU D 78 -7.44 -6.54 4.12
CA LEU D 78 -8.11 -5.51 4.90
C LEU D 78 -8.70 -6.00 6.22
N GLY D 79 -8.63 -7.31 6.46
CA GLY D 79 -8.92 -7.90 7.77
C GLY D 79 -8.27 -7.10 8.88
N ASN D 80 -6.97 -6.81 8.73
CA ASN D 80 -6.23 -6.12 9.77
C ASN D 80 -5.80 -4.67 9.50
N VAL D 81 -6.41 -4.03 8.49
CA VAL D 81 -5.99 -2.69 8.03
C VAL D 81 -6.07 -1.58 9.10
N VAL D 82 -7.08 -1.66 9.99
CA VAL D 82 -7.25 -0.70 11.10
C VAL D 82 -5.93 -0.57 11.88
N GLY D 83 -5.30 -1.73 12.11
CA GLY D 83 -4.02 -1.82 12.78
C GLY D 83 -2.84 -1.21 12.06
N ARG D 84 -3.04 -0.72 10.83
CA ARG D 84 -1.95 -0.17 10.00
C ARG D 84 -2.16 1.29 9.70
N ARG D 85 -3.29 1.84 10.15
CA ARG D 85 -3.76 3.17 9.71
C ARG D 85 -4.41 4.11 10.78
N GLY D 86 -3.81 4.17 11.97
CA GLY D 86 -4.28 5.07 13.05
C GLY D 86 -5.26 4.46 14.07
N GLY D 87 -5.02 3.20 14.44
CA GLY D 87 -5.83 2.43 15.39
C GLY D 87 -7.33 2.55 15.30
N GLU D 88 -8.00 1.97 16.29
CA GLU D 88 -9.42 2.19 16.57
C GLU D 88 -9.86 3.64 16.38
N GLU D 89 -9.27 4.57 17.15
CA GLU D 89 -9.72 5.96 17.24
C GLU D 89 -9.85 6.70 15.89
N GLY D 90 -8.74 6.83 15.17
CA GLY D 90 -8.71 7.68 13.99
C GLY D 90 -8.99 7.03 12.64
N PHE D 91 -9.10 5.71 12.63
CA PHE D 91 -9.29 4.97 11.38
C PHE D 91 -10.48 5.43 10.55
N ASN D 92 -11.60 5.65 11.21
CA ASN D 92 -12.79 6.16 10.54
C ASN D 92 -12.44 7.38 9.69
N THR D 93 -11.77 8.34 10.32
CA THR D 93 -11.31 9.56 9.64
C THR D 93 -10.37 9.22 8.51
N PHE D 94 -9.41 8.36 8.78
CA PHE D 94 -8.58 7.92 7.71
C PHE D 94 -9.38 7.44 6.48
N LEU D 95 -10.26 6.46 6.67
CA LEU D 95 -10.91 5.80 5.52
C LEU D 95 -11.75 6.76 4.66
N GLN D 96 -12.33 7.76 5.31
CA GLN D 96 -13.06 8.82 4.62
C GLN D 96 -12.15 9.47 3.60
N ALA D 97 -10.93 9.79 4.03
CA ALA D 97 -9.98 10.50 3.22
C ALA D 97 -9.50 9.54 2.16
N TRP D 98 -9.18 8.33 2.59
CA TRP D 98 -8.63 7.34 1.69
C TRP D 98 -9.55 7.13 0.51
N MET D 99 -10.86 7.05 0.78
CA MET D 99 -11.86 6.76 -0.25
C MET D 99 -12.07 7.92 -1.21
N LYS D 100 -11.91 9.15 -0.70
CA LYS D 100 -12.09 10.40 -1.45
C LYS D 100 -10.98 10.58 -2.46
N ILE D 101 -9.72 10.38 -2.04
CA ILE D 101 -8.56 10.70 -2.87
C ILE D 101 -8.25 9.75 -4.05
N GLN D 102 -8.99 8.63 -4.15
CA GLN D 102 -8.81 7.61 -5.19
C GLN D 102 -9.27 8.05 -6.58
N PRO D 103 -8.62 7.57 -7.66
CA PRO D 103 -7.39 6.74 -7.72
C PRO D 103 -6.21 7.61 -7.40
N LEU D 104 -5.16 7.02 -6.86
CA LEU D 104 -3.99 7.80 -6.54
C LEU D 104 -3.30 8.35 -7.77
N ASN D 105 -3.38 7.63 -8.88
CA ASN D 105 -2.82 8.09 -10.17
C ASN D 105 -1.29 8.13 -10.21
N VAL D 106 -0.69 7.22 -9.46
CA VAL D 106 0.75 7.07 -9.48
C VAL D 106 1.05 6.15 -10.66
N PRO D 107 1.75 6.70 -11.67
CA PRO D 107 2.08 6.04 -12.94
C PRO D 107 2.41 4.57 -12.81
N GLY D 108 1.55 3.73 -13.37
CA GLY D 108 1.79 2.31 -13.46
C GLY D 108 1.45 1.53 -12.21
N ARG D 109 1.18 2.22 -11.11
CA ARG D 109 0.89 1.55 -9.83
C ARG D 109 -0.57 1.10 -9.72
N ARG D 110 -0.78 -0.09 -9.17
CA ARG D 110 -2.10 -0.72 -9.11
C ARG D 110 -3.09 0.29 -8.58
N ALA D 111 -4.14 0.50 -9.36
CA ALA D 111 -5.09 1.55 -9.11
C ALA D 111 -6.37 1.07 -8.45
N MET D 112 -6.78 1.76 -7.38
CA MET D 112 -8.12 1.58 -6.79
C MET D 112 -9.11 2.56 -7.43
N PRO D 113 -10.38 2.16 -7.60
CA PRO D 113 -11.28 3.19 -8.13
C PRO D 113 -11.89 4.19 -7.10
N GLN D 114 -12.49 5.24 -7.66
CA GLN D 114 -13.28 6.17 -6.88
C GLN D 114 -14.71 5.66 -6.86
N PHE D 115 -15.18 5.20 -5.69
CA PHE D 115 -16.53 4.62 -5.59
C PHE D 115 -17.65 5.63 -5.40
N HIS D 116 -17.29 6.89 -5.20
CA HIS D 116 -18.25 7.97 -4.99
C HIS D 116 -19.18 7.63 -3.85
N LEU D 117 -18.65 7.06 -2.77
CA LEU D 117 -19.50 6.69 -1.65
C LEU D 117 -19.81 7.89 -0.77
N SER D 118 -20.99 7.88 -0.16
CA SER D 118 -21.36 8.90 0.82
C SER D 118 -20.55 8.71 2.09
N GLU D 119 -20.61 9.73 2.95
CA GLU D 119 -19.91 9.75 4.21
C GLU D 119 -20.53 8.75 5.20
N GLY D 120 -21.84 8.55 5.10
CA GLY D 120 -22.47 7.54 5.88
C GLY D 120 -21.89 6.23 5.41
N GLN D 121 -22.01 5.98 4.11
CA GLN D 121 -21.51 4.74 3.52
C GLN D 121 -20.10 4.40 3.97
N VAL D 122 -19.14 5.28 3.68
CA VAL D 122 -17.75 5.11 4.12
C VAL D 122 -17.59 4.80 5.62
N ASP D 123 -18.41 5.42 6.47
CA ASP D 123 -18.33 5.16 7.91
C ASP D 123 -18.81 3.78 8.28
N ASP D 124 -19.98 3.42 7.77
CA ASP D 124 -20.48 2.08 7.88
C ASP D 124 -19.36 1.10 7.59
N LEU D 125 -18.73 1.28 6.43
CA LEU D 125 -17.55 0.52 6.04
C LEU D 125 -16.59 0.40 7.18
N ALA D 126 -16.21 1.55 7.75
CA ALA D 126 -15.17 1.63 8.80
C ALA D 126 -15.58 0.81 10.04
N GLU D 127 -16.87 0.85 10.32
CA GLU D 127 -17.43 0.05 11.39
C GLU D 127 -17.31 -1.43 11.11
N PHE D 128 -17.71 -1.81 9.90
CA PHE D 128 -17.60 -3.19 9.42
C PHE D 128 -16.15 -3.70 9.44
N LEU D 129 -15.21 -2.87 9.00
CA LEU D 129 -13.81 -3.27 8.98
C LEU D 129 -13.20 -3.30 10.36
N LYS D 130 -13.58 -2.33 11.20
CA LYS D 130 -13.14 -2.31 12.58
C LYS D 130 -13.57 -3.59 13.27
N TRP D 131 -14.85 -3.93 13.12
CA TRP D 131 -15.45 -5.11 13.74
C TRP D 131 -14.80 -6.40 13.26
N SER D 132 -14.54 -6.47 11.96
CA SER D 132 -13.99 -7.64 11.33
C SER D 132 -12.60 -7.94 11.86
N SER D 133 -11.85 -6.89 12.14
CA SER D 133 -10.48 -6.96 12.71
C SER D 133 -10.39 -7.67 14.08
N LYS D 134 -11.52 -7.69 14.77
CA LYS D 134 -11.61 -8.18 16.14
C LYS D 134 -12.17 -9.59 16.28
N ILE D 135 -12.58 -10.18 15.16
CA ILE D 135 -13.05 -11.58 15.11
C ILE D 135 -11.92 -12.53 15.52
N ASP D 136 -12.11 -13.30 16.59
CA ASP D 136 -11.08 -14.28 16.95
C ASP D 136 -10.87 -15.24 15.80
N THR D 137 -9.68 -15.14 15.23
CA THR D 137 -9.38 -15.76 13.96
C THR D 137 -8.12 -16.64 14.06
N ASN D 138 -7.97 -17.28 15.23
CA ASN D 138 -6.86 -18.20 15.54
C ASN D 138 -5.48 -17.62 15.24
N GLN D 139 -5.32 -16.37 15.65
CA GLN D 139 -4.06 -15.62 15.55
C GLN D 139 -3.65 -15.19 14.13
N TRP D 140 -4.56 -15.25 13.15
CA TRP D 140 -4.18 -14.93 11.76
C TRP D 140 -4.62 -13.55 11.39
N PRO D 141 -3.80 -12.80 10.62
CA PRO D 141 -2.53 -13.15 9.96
C PRO D 141 -1.34 -13.19 10.88
N PRO D 142 -0.17 -13.55 10.35
CA PRO D 142 1.06 -13.60 11.14
C PRO D 142 1.49 -12.26 11.78
N ASN D 143 1.53 -11.20 10.96
CA ASN D 143 2.04 -9.88 11.35
C ASN D 143 1.07 -8.79 10.90
N LYS D 144 1.34 -7.53 11.25
CA LYS D 144 0.38 -6.43 10.98
C LYS D 144 0.24 -6.03 9.51
N GLU D 145 1.12 -6.60 8.66
CA GLU D 145 1.08 -6.43 7.19
C GLU D 145 0.00 -7.26 6.48
N GLY D 146 -0.73 -8.07 7.24
CA GLY D 146 -1.67 -9.02 6.66
C GLY D 146 -1.02 -10.04 5.73
CHA HEM E . -8.25 -16.03 -10.98
CHB HEM E . -5.33 -14.89 -14.64
CHC HEM E . -6.45 -18.93 -17.04
CHD HEM E . -8.98 -20.31 -13.23
C1A HEM E . -7.33 -15.32 -11.72
C2A HEM E . -6.66 -14.07 -11.41
C3A HEM E . -5.86 -13.76 -12.43
C4A HEM E . -5.99 -14.80 -13.43
CMA HEM E . -4.93 -12.57 -12.67
CAA HEM E . -6.92 -13.31 -10.10
CBA HEM E . -5.68 -13.29 -9.21
CGA HEM E . -6.04 -12.48 -7.99
O1A HEM E . -5.11 -11.79 -7.47
O2A HEM E . -7.20 -12.50 -7.48
C1B HEM E . -5.34 -15.85 -15.63
C2B HEM E . -4.60 -15.84 -16.88
C3B HEM E . -4.95 -16.99 -17.47
C4B HEM E . -5.91 -17.72 -16.67
CMB HEM E . -3.59 -14.80 -17.46
CAB HEM E . -4.51 -17.55 -18.84
CBB HEM E . -4.64 -16.74 -19.90
C1C HEM E . -7.27 -19.73 -16.26
C2C HEM E . -7.89 -21.02 -16.61
C3C HEM E . -8.58 -21.32 -15.50
C4C HEM E . -8.40 -20.33 -14.46
CMC HEM E . -7.89 -21.92 -17.90
CAC HEM E . -9.47 -22.56 -15.29
CBC HEM E . -8.91 -23.74 -15.49
C1D HEM E . -8.98 -19.30 -12.30
C2D HEM E . -9.50 -19.49 -10.96
C3D HEM E . -9.30 -18.17 -10.22
C4D HEM E . -8.67 -17.34 -11.21
CMD HEM E . -10.18 -20.78 -10.41
CAD HEM E . -9.74 -17.87 -8.78
CBD HEM E . -8.47 -18.14 -7.99
CGD HEM E . -8.50 -17.71 -6.55
O1D HEM E . -7.35 -17.88 -6.06
O2D HEM E . -9.48 -17.22 -5.89
NA HEM E . -6.93 -15.72 -12.98
NB HEM E . -6.14 -16.96 -15.55
NC HEM E . -7.64 -19.33 -14.99
ND HEM E . -8.48 -18.02 -12.40
FE HEM E . -7.32 -17.47 -13.99
CHA HEM F . -8.02 -23.31 -2.19
CHB HEM F . -9.54 -25.16 -6.30
CHC HEM F . -8.54 -29.60 -4.79
CHD HEM F . -6.46 -27.79 -0.92
C1A HEM F . -8.55 -23.31 -3.45
C2A HEM F . -9.00 -22.22 -4.30
C3A HEM F . -9.41 -22.77 -5.44
C4A HEM F . -9.22 -24.21 -5.33
CMA HEM F . -9.99 -21.99 -6.64
CAA HEM F . -9.03 -20.69 -4.04
CBA HEM F . -10.31 -20.49 -3.24
CGA HEM F . -10.67 -19.05 -2.97
O1A HEM F . -10.77 -18.58 -1.81
O2A HEM F . -10.87 -18.27 -3.94
C1B HEM F . -9.45 -26.54 -6.23
C2B HEM F . -9.99 -27.45 -7.23
C3B HEM F . -9.72 -28.71 -6.84
C4B HEM F . -9.04 -28.57 -5.56
CMB HEM F . -10.69 -27.03 -8.54
CAB HEM F . -10.09 -30.03 -7.55
CBB HEM F . -10.00 -30.16 -8.88
C1C HEM F . -7.84 -29.52 -3.61
C2C HEM F . -7.34 -30.65 -2.86
C3C HEM F . -6.74 -30.17 -1.77
C4C HEM F . -6.87 -28.72 -1.83
CMC HEM F . -7.48 -32.11 -3.32
CAC HEM F . -6.03 -30.95 -0.64
CBC HEM F . -4.96 -31.72 -0.87
C1D HEM F . -6.73 -26.44 -0.89
C2D HEM F . -6.43 -25.60 0.25
C3D HEM F . -6.91 -24.21 -0.18
C4D HEM F . -7.46 -24.38 -1.50
CMD HEM F . -5.76 -25.92 1.60
CAD HEM F . -6.79 -22.93 0.67
CBD HEM F . -5.42 -22.28 0.49
CGD HEM F . -5.49 -20.92 1.14
O1D HEM F . -5.27 -19.98 0.35
O2D HEM F . -5.76 -20.68 2.35
NA HEM F . -8.71 -24.53 -4.09
NB HEM F . -8.92 -27.26 -5.17
NC HEM F . -7.57 -28.34 -2.95
ND HEM F . -7.37 -25.72 -1.87
FE HEM F . -8.18 -26.49 -3.45
FE FE G . -10.96 -27.35 -0.68
O O H . -9.77 -26.63 -2.19
XE XE I . -27.03 -28.83 -12.43
XE XE J . -16.65 -22.24 -7.64
XE XE K . -26.33 -24.54 -10.50
XE XE L . -27.20 -24.86 -14.29
XE XE M . -13.80 -20.15 -10.10
XE XE N . -22.73 -15.23 -15.10
XE XE O . -22.86 -19.41 -11.50
O10 10M P . -2.89 -20.68 15.27
C22 10M P . -1.50 -21.03 15.36
C21 10M P . -0.72 -19.72 15.56
O9 10M P . -1.15 -19.09 16.77
C14 10M P . 0.79 -19.95 15.57
O3 10M P . 1.45 -18.67 15.72
C15 10M P . 2.40 -18.36 16.77
C20 10M P . 1.89 -17.20 17.64
O8 10M P . 0.69 -17.55 18.33
C19 10M P . 1.70 -15.93 16.77
O7 10M P . 1.50 -14.80 17.63
C18 10M P . 2.90 -15.59 15.87
O6 10M P . 2.47 -14.74 14.80
C16 10M P . 3.61 -16.83 15.26
C17 10M P . 5.06 -16.53 14.92
O5 10M P . 5.36 -17.09 13.65
O4 10M P . 3.67 -17.96 16.19
C12 10M P . 1.19 -20.65 14.22
C13 10M P . 2.68 -21.05 14.24
O2 10M P . 2.93 -22.02 13.20
O1 10M P . 0.40 -21.88 13.96
C11 10M P . -1.04 -21.79 14.08
S 10M P . -1.68 -23.49 13.95
C10 10M P . -1.85 -24.06 15.68
C9 10M P . -1.48 -25.55 15.91
C8 10M P . -2.62 -26.52 15.51
C7 10M P . -2.29 -27.28 14.21
C6 10M P . -2.89 -28.69 14.22
C5 10M P . -2.80 -29.38 12.85
C4 10M P . -1.52 -30.23 12.73
C3 10M P . -1.65 -31.40 11.74
C2 10M P . -0.28 -31.80 11.16
C1 10M P . -0.03 -33.31 11.27
O10 10M Q . 9.22 -22.12 12.56
C22 10M Q . 9.51 -20.77 12.18
C21 10M Q . 9.24 -19.84 13.36
O9 10M Q . 10.17 -20.13 14.42
C14 10M Q . 9.38 -18.37 12.96
O3 10M Q . 8.94 -17.55 14.06
C15 10M Q . 9.91 -17.15 15.04
C20 10M Q . 9.20 -16.72 16.34
O8 10M Q . 8.27 -17.75 16.73
C19 10M Q . 8.46 -15.38 16.17
O7 10M Q . 8.06 -14.90 17.46
C18 10M Q . 9.33 -14.31 15.49
O6 10M Q . 8.53 -13.18 15.14
C16 10M Q . 9.96 -14.88 14.21
C17 10M Q . 10.92 -13.92 13.51
O5 10M Q . 11.72 -14.66 12.59
O4 10M Q . 10.72 -16.07 14.53
C12 10M Q . 8.55 -18.08 11.70
C13 10M Q . 8.86 -16.71 11.19
O2 10M Q . 10.13 -16.74 10.52
O1 10M Q . 8.87 -19.01 10.66
C11 10M Q . 8.61 -20.37 11.00
S 10M Q . 8.90 -21.45 9.58
C10 10M Q . 7.36 -21.21 8.66
C9 10M Q . 6.99 -22.40 7.78
C8 10M Q . 5.86 -22.07 6.80
C7 10M Q . 6.42 -21.48 5.49
C6 10M Q . 6.27 -22.48 4.36
C5 10M Q . 6.18 -21.78 2.99
C4 10M Q . 6.51 -22.78 1.86
C3 10M Q . 5.30 -23.12 0.95
C2 10M Q . 5.21 -24.64 0.63
C1 10M Q . 4.92 -24.89 -0.87
CA CA R . -9.86 -16.18 -3.82
FE HEC S . -8.73 -0.98 -2.18
CHA HEC S . -5.71 -0.15 -1.04
CHB HEC S . -10.11 -0.20 0.83
CHC HEC S . -11.81 -1.83 -3.37
CHD HEC S . -7.39 -1.88 -5.26
NA HEC S . -8.05 -0.29 -0.43
C1A HEC S . -6.74 -0.04 -0.14
C2A HEC S . -6.61 0.35 1.26
C3A HEC S . -7.85 0.32 1.78
C4A HEC S . -8.76 -0.07 0.72
CMA HEC S . -8.28 0.66 3.23
CAA HEC S . -5.27 0.71 1.99
CBA HEC S . -4.85 -0.49 2.84
CGA HEC S . -3.42 -0.54 3.35
O1A HEC S . -2.80 0.55 3.57
O2A HEC S . -2.92 -1.68 3.55
NB HEC S . -10.58 -1.01 -1.41
C1B HEC S . -10.96 -0.63 -0.16
C2B HEC S . -12.41 -0.70 -0.07
C3B HEC S . -12.88 -1.17 -1.26
C4B HEC S . -11.73 -1.36 -2.10
CMB HEC S . -13.18 -0.33 1.24
CAB HEC S . -14.32 -1.49 -1.76
CBB HEC S . -15.20 -0.24 -1.99
NC HEC S . -9.43 -1.71 -3.96
C1C HEC S . -10.75 -2.01 -4.23
C2C HEC S . -10.87 -2.54 -5.57
C3C HEC S . -9.66 -2.56 -6.11
C4C HEC S . -8.73 -2.04 -5.11
CMC HEC S . -12.16 -3.01 -6.27
CAC HEC S . -9.32 -3.08 -7.55
CBC HEC S . -9.63 -2.11 -8.70
ND HEC S . -6.89 -1.03 -3.00
C1D HEC S . -6.56 -1.41 -4.30
C2D HEC S . -5.18 -1.23 -4.55
C3D HEC S . -4.63 -0.71 -3.24
C4D HEC S . -5.76 -0.59 -2.33
CMD HEC S . -4.47 -1.49 -5.90
CAD HEC S . -3.18 -0.31 -2.95
CBD HEC S . -3.23 1.19 -2.95
CGD HEC S . -1.84 1.73 -3.04
O1D HEC S . -1.56 2.53 -3.97
O2D HEC S . -1.01 1.36 -2.17
#